data_5WEW
#
_entry.id   5WEW
#
_cell.length_a   120.399
_cell.length_b   197.615
_cell.length_c   117.027
_cell.angle_alpha   90.000
_cell.angle_beta   90.000
_cell.angle_gamma   90.000
#
_symmetry.space_group_name_H-M   'C 2 2 21'
#
loop_
_entity.id
_entity.type
_entity.pdbx_description
1 polymer 'Fosfomycin resistance protein'
2 non-polymer 'MANGANESE (II) ION'
3 non-polymer "6,6'-(4-nitro-1H-pyrazole-3,5-diyl)bis(3-bromopyrazolo[1,5-a]pyrimidin-2(1H)-one)"
#
_entity_poly.entity_id   1
_entity_poly.type   'polypeptide(L)'
_entity_poly.pdbx_seq_one_letter_code
;MLSGLNHLTLAVSQLAPSVAFYQQLLGMTLHARWDSGAYLSCGDLWLCLSLDPQRRVTPPEESDYTHYAFSISEADFASF
AARLEAAGVAVWKLNRSEGASHYFLDPDGHKLELHVGSLAQRLAACREQPYKGMVFFEQHHHHHH
;
_entity_poly.pdbx_strand_id   A,B,C,D,E,F,G,H
#
loop_
_chem_comp.id
_chem_comp.type
_chem_comp.name
_chem_comp.formula
A81 non-polymer 6,6'-(4-nitro-1H-pyrazole-3,5-diyl)bis(3-bromopyrazolo[1,5-a]pyrimidin-2(1H)-one) 'C15 H7 Br2 N9 O4'
MN non-polymer 'MANGANESE (II) ION' 'Mn 2'
#
# COMPACT_ATOMS: atom_id res chain seq x y z
N MET A 1 11.82 29.83 31.57
CA MET A 1 11.72 28.40 31.81
C MET A 1 11.33 27.64 30.53
N LEU A 2 12.23 26.78 30.06
CA LEU A 2 11.94 25.95 28.90
C LEU A 2 11.15 24.72 29.31
N SER A 3 10.19 24.33 28.48
CA SER A 3 9.26 23.26 28.79
C SER A 3 9.52 21.98 27.99
N GLY A 4 10.52 21.95 27.13
CA GLY A 4 10.84 20.75 26.40
C GLY A 4 11.14 21.06 24.95
N LEU A 5 11.25 19.99 24.15
CA LEU A 5 11.51 20.12 22.73
C LEU A 5 10.21 20.52 22.02
N ASN A 6 10.27 21.60 21.25
CA ASN A 6 9.08 22.02 20.51
C ASN A 6 8.92 21.21 19.24
N HIS A 7 9.94 21.22 18.38
CA HIS A 7 9.90 20.47 17.14
C HIS A 7 11.32 20.12 16.71
N LEU A 8 11.43 19.09 15.88
CA LEU A 8 12.69 18.66 15.30
C LEU A 8 12.61 18.84 13.79
N THR A 9 13.52 19.64 13.24
CA THR A 9 13.55 19.94 11.82
C THR A 9 14.75 19.22 11.20
N LEU A 10 14.48 18.42 10.17
CA LEU A 10 15.51 17.67 9.47
C LEU A 10 15.64 18.21 8.05
N ALA A 11 16.83 18.66 7.69
CA ALA A 11 17.10 19.07 6.32
C ALA A 11 17.19 17.84 5.43
N VAL A 12 16.44 17.85 4.34
CA VAL A 12 16.37 16.72 3.42
C VAL A 12 16.69 17.19 2.01
N SER A 13 17.31 16.32 1.23
CA SER A 13 17.65 16.66 -0.15
C SER A 13 16.55 16.30 -1.14
N GLN A 14 15.75 15.28 -0.83
CA GLN A 14 14.65 14.85 -1.68
C GLN A 14 13.41 14.66 -0.80
N LEU A 15 12.39 15.50 -1.03
CA LEU A 15 11.21 15.50 -0.17
C LEU A 15 10.41 14.22 -0.31
N ALA A 16 10.11 13.82 -1.55
CA ALA A 16 9.27 12.65 -1.78
C ALA A 16 9.83 11.37 -1.14
N PRO A 17 11.10 10.99 -1.34
CA PRO A 17 11.59 9.79 -0.64
C PRO A 17 11.57 9.89 0.87
N SER A 18 11.92 11.05 1.42
CA SER A 18 11.99 11.20 2.88
C SER A 18 10.61 11.09 3.52
N VAL A 19 9.59 11.70 2.90
CA VAL A 19 8.24 11.61 3.44
C VAL A 19 7.79 10.16 3.52
N ALA A 20 8.16 9.36 2.52
CA ALA A 20 7.83 7.94 2.56
C ALA A 20 8.56 7.24 3.70
N PHE A 21 9.82 7.60 3.94
CA PHE A 21 10.61 6.95 4.99
C PHE A 21 9.95 7.11 6.35
N TYR A 22 9.55 8.34 6.71
CA TYR A 22 9.01 8.59 8.04
C TYR A 22 7.54 8.19 8.16
N GLN A 23 6.77 8.28 7.07
CA GLN A 23 5.37 7.92 7.13
C GLN A 23 5.13 6.43 6.89
N GLN A 24 5.76 5.86 5.86
CA GLN A 24 5.53 4.45 5.55
C GLN A 24 6.33 3.53 6.47
N LEU A 25 7.66 3.68 6.49
CA LEU A 25 8.50 2.74 7.23
C LEU A 25 8.34 2.92 8.74
N LEU A 26 8.42 4.16 9.22
CA LEU A 26 8.38 4.41 10.65
C LEU A 26 6.96 4.65 11.17
N GLY A 27 5.97 4.71 10.28
CA GLY A 27 4.59 4.80 10.73
C GLY A 27 4.20 6.12 11.37
N MET A 28 4.98 7.18 11.15
CA MET A 28 4.63 8.46 11.72
C MET A 28 3.42 9.04 10.98
N THR A 29 2.70 9.92 11.66
CA THR A 29 1.47 10.50 11.13
C THR A 29 1.80 11.73 10.31
N LEU A 30 1.46 11.72 9.03
CA LEU A 30 1.69 12.86 8.15
C LEU A 30 0.49 13.80 8.24
N HIS A 31 0.75 15.03 8.69
CA HIS A 31 -0.30 16.01 8.89
C HIS A 31 -0.42 17.01 7.76
N ALA A 32 0.70 17.44 7.19
CA ALA A 32 0.69 18.42 6.11
C ALA A 32 1.94 18.25 5.27
N ARG A 33 1.88 18.76 4.05
CA ARG A 33 3.00 18.65 3.12
C ARG A 33 2.91 19.76 2.09
N TRP A 34 4.02 20.46 1.87
CA TRP A 34 4.10 21.53 0.89
C TRP A 34 5.35 21.35 0.04
N ASP A 35 5.57 22.28 -0.90
CA ASP A 35 6.65 22.15 -1.86
C ASP A 35 8.03 22.20 -1.23
N SER A 36 8.15 22.63 0.02
CA SER A 36 9.45 22.78 0.66
C SER A 36 9.62 21.91 1.91
N GLY A 37 8.63 21.10 2.26
CA GLY A 37 8.77 20.28 3.44
C GLY A 37 7.48 19.58 3.80
N ALA A 38 7.45 19.06 5.03
CA ALA A 38 6.31 18.32 5.52
C ALA A 38 6.29 18.35 7.05
N TYR A 39 5.08 18.27 7.60
CA TYR A 39 4.85 18.19 9.04
C TYR A 39 4.39 16.77 9.38
N LEU A 40 5.13 16.11 10.27
CA LEU A 40 4.74 14.80 10.78
C LEU A 40 4.80 14.80 12.29
N SER A 41 4.08 13.87 12.90
CA SER A 41 4.05 13.71 14.34
C SER A 41 4.28 12.25 14.69
N CYS A 42 4.98 12.03 15.80
CA CYS A 42 5.30 10.71 16.33
C CYS A 42 5.01 10.81 17.81
N GLY A 43 3.78 10.48 18.21
CA GLY A 43 3.39 10.67 19.60
C GLY A 43 3.37 12.13 19.96
N ASP A 44 4.21 12.53 20.92
CA ASP A 44 4.34 13.92 21.33
C ASP A 44 5.37 14.68 20.51
N LEU A 45 6.04 14.04 19.55
CA LEU A 45 7.11 14.67 18.79
C LEU A 45 6.56 15.38 17.56
N TRP A 46 6.98 16.63 17.36
CA TRP A 46 6.69 17.39 16.16
C TRP A 46 7.92 17.33 15.25
N LEU A 47 7.83 16.55 14.18
CA LEU A 47 8.92 16.41 13.22
C LEU A 47 8.60 17.25 11.99
N CYS A 48 9.58 18.02 11.54
CA CYS A 48 9.43 18.83 10.34
C CYS A 48 10.56 18.50 9.38
N LEU A 49 10.21 18.05 8.18
CA LEU A 49 11.17 17.88 7.11
C LEU A 49 11.20 19.17 6.29
N SER A 50 12.39 19.71 6.05
CA SER A 50 12.55 20.94 5.28
C SER A 50 13.44 20.64 4.09
N LEU A 51 12.93 20.92 2.88
CA LEU A 51 13.71 20.70 1.67
C LEU A 51 14.83 21.73 1.62
N ASP A 52 16.08 21.25 1.67
CA ASP A 52 17.25 22.11 1.71
C ASP A 52 18.18 21.69 0.59
N PRO A 53 18.44 22.56 -0.39
CA PRO A 53 19.44 22.22 -1.42
C PRO A 53 20.85 22.10 -0.86
N GLN A 54 21.12 22.67 0.32
CA GLN A 54 22.41 22.52 0.98
C GLN A 54 22.61 21.12 1.56
N ARG A 55 21.58 20.28 1.54
CA ARG A 55 21.65 18.97 2.18
C ARG A 55 22.32 17.96 1.26
N ARG A 56 23.40 17.35 1.74
CA ARG A 56 24.11 16.29 1.04
C ARG A 56 23.91 14.98 1.79
N VAL A 57 23.70 13.90 1.04
CA VAL A 57 23.57 12.57 1.63
C VAL A 57 24.91 12.21 2.26
N THR A 58 24.94 12.13 3.59
CA THR A 58 26.19 12.02 4.31
C THR A 58 26.39 10.59 4.79
N PRO A 59 27.47 9.92 4.38
CA PRO A 59 27.77 8.61 4.95
C PRO A 59 28.09 8.75 6.42
N PRO A 60 27.87 7.70 7.20
CA PRO A 60 28.05 7.81 8.66
C PRO A 60 29.47 8.15 9.08
N GLU A 61 30.47 7.76 8.29
CA GLU A 61 31.86 8.02 8.62
C GLU A 61 32.29 9.46 8.37
N GLU A 62 31.49 10.23 7.61
CA GLU A 62 31.80 11.62 7.35
C GLU A 62 30.96 12.58 8.19
N SER A 63 30.22 12.05 9.16
CA SER A 63 29.41 12.86 10.06
C SER A 63 29.73 12.48 11.51
N ASP A 64 29.42 13.40 12.42
CA ASP A 64 29.72 13.22 13.83
C ASP A 64 28.66 12.34 14.49
N TYR A 65 28.72 12.23 15.81
CA TYR A 65 27.87 11.32 16.58
C TYR A 65 26.45 11.85 16.79
N THR A 66 26.14 13.06 16.36
CA THR A 66 24.80 13.61 16.55
C THR A 66 23.75 12.69 15.95
N HIS A 67 22.80 12.26 16.77
CA HIS A 67 21.75 11.37 16.32
C HIS A 67 20.47 11.64 17.10
N TYR A 68 19.37 11.10 16.59
CA TYR A 68 18.04 11.32 17.14
C TYR A 68 17.37 9.97 17.37
N ALA A 69 16.93 9.73 18.60
CA ALA A 69 16.40 8.43 19.00
C ALA A 69 14.91 8.50 19.28
N PHE A 70 14.18 7.49 18.81
CA PHE A 70 12.74 7.38 19.01
C PHE A 70 12.43 6.31 20.05
N SER A 71 11.41 6.55 20.85
CA SER A 71 10.99 5.57 21.86
C SER A 71 10.18 4.45 21.22
N ILE A 72 10.40 3.23 21.70
CA ILE A 72 9.65 2.07 21.24
C ILE A 72 9.59 1.06 22.38
N SER A 73 8.48 0.33 22.45
CA SER A 73 8.29 -0.63 23.53
C SER A 73 9.19 -1.86 23.35
N GLU A 74 9.48 -2.53 24.47
CA GLU A 74 10.30 -3.73 24.44
C GLU A 74 9.69 -4.80 23.54
N ALA A 75 8.38 -4.98 23.59
CA ALA A 75 7.73 -6.03 22.81
C ALA A 75 7.86 -5.75 21.31
N ASP A 76 7.73 -4.49 20.91
CA ASP A 76 7.73 -4.12 19.50
C ASP A 76 9.14 -3.94 18.93
N PHE A 77 10.17 -3.90 19.78
CA PHE A 77 11.52 -3.59 19.32
C PHE A 77 11.99 -4.57 18.26
N ALA A 78 12.04 -5.86 18.60
CA ALA A 78 12.65 -6.86 17.72
C ALA A 78 12.04 -6.83 16.32
N SER A 79 10.72 -6.85 16.24
CA SER A 79 10.06 -6.86 14.94
C SER A 79 10.31 -5.58 14.15
N PHE A 80 10.40 -4.44 14.83
CA PHE A 80 10.62 -3.18 14.12
C PHE A 80 12.04 -3.11 13.57
N ALA A 81 13.04 -3.52 14.36
CA ALA A 81 14.41 -3.55 13.87
C ALA A 81 14.55 -4.48 12.68
N ALA A 82 13.81 -5.59 12.67
CA ALA A 82 13.81 -6.48 11.52
C ALA A 82 13.12 -5.83 10.33
N ARG A 83 12.06 -5.06 10.57
CA ARG A 83 11.37 -4.37 9.50
C ARG A 83 12.31 -3.43 8.74
N LEU A 84 13.10 -2.65 9.48
CA LEU A 84 14.00 -1.71 8.83
C LEU A 84 15.11 -2.43 8.07
N GLU A 85 15.69 -3.46 8.66
CA GLU A 85 16.72 -4.23 7.95
C GLU A 85 16.14 -4.94 6.74
N ALA A 86 14.92 -5.48 6.87
CA ALA A 86 14.29 -6.14 5.72
C ALA A 86 13.97 -5.13 4.63
N ALA A 87 13.70 -3.89 5.00
CA ALA A 87 13.46 -2.81 4.04
C ALA A 87 14.74 -2.20 3.52
N GLY A 88 15.90 -2.71 3.94
CA GLY A 88 17.17 -2.23 3.46
C GLY A 88 17.76 -1.04 4.19
N VAL A 89 17.23 -0.69 5.36
CA VAL A 89 17.76 0.44 6.10
C VAL A 89 19.14 0.08 6.64
N ALA A 90 20.11 0.98 6.43
CA ALA A 90 21.49 0.74 6.82
C ALA A 90 21.68 0.98 8.32
N VAL A 91 22.62 0.25 8.91
CA VAL A 91 22.97 0.36 10.32
C VAL A 91 24.32 1.07 10.42
N TRP A 92 24.43 2.01 11.37
CA TRP A 92 25.65 2.79 11.53
C TRP A 92 26.34 2.59 12.87
N LYS A 93 25.78 1.75 13.75
CA LYS A 93 26.38 1.50 15.06
C LYS A 93 25.75 0.26 15.64
N LEU A 94 26.56 -0.53 16.35
CA LEU A 94 26.10 -1.74 17.02
C LEU A 94 25.79 -1.44 18.48
N ASN A 95 24.77 -2.10 19.01
CA ASN A 95 24.36 -1.87 20.40
C ASN A 95 25.32 -2.59 21.33
N ARG A 96 25.85 -1.86 22.32
CA ARG A 96 26.72 -2.44 23.33
C ARG A 96 26.35 -2.04 24.75
N SER A 97 25.54 -1.02 24.94
CA SER A 97 25.17 -0.53 26.26
C SER A 97 23.84 -1.15 26.70
N GLU A 98 23.41 -0.78 27.90
CA GLU A 98 22.16 -1.30 28.44
C GLU A 98 20.98 -0.81 27.63
N GLY A 99 19.93 -1.64 27.60
CA GLY A 99 18.75 -1.32 26.85
C GLY A 99 18.88 -1.62 25.37
N ALA A 100 17.73 -1.82 24.73
CA ALA A 100 17.68 -2.13 23.32
C ALA A 100 17.97 -0.89 22.49
N SER A 101 18.89 -1.02 21.53
CA SER A 101 19.25 0.09 20.66
C SER A 101 19.53 -0.42 19.26
N HIS A 102 18.91 0.20 18.25
CA HIS A 102 19.15 -0.11 16.85
C HIS A 102 19.48 1.19 16.14
N TYR A 103 20.72 1.32 15.66
CA TYR A 103 21.22 2.53 15.04
C TYR A 103 21.09 2.42 13.52
N PHE A 104 20.30 3.30 12.92
CA PHE A 104 20.07 3.25 11.48
C PHE A 104 20.12 4.65 10.88
N LEU A 105 20.18 4.70 9.55
CA LEU A 105 20.29 5.94 8.80
C LEU A 105 19.03 6.18 7.98
N ASP A 106 18.68 7.47 7.82
CA ASP A 106 17.54 7.87 7.00
C ASP A 106 18.03 8.09 5.56
N PRO A 107 17.16 8.39 4.59
CA PRO A 107 17.64 8.52 3.21
C PRO A 107 18.76 9.51 3.01
N ASP A 108 18.84 10.57 3.83
CA ASP A 108 19.85 11.60 3.67
C ASP A 108 21.05 11.41 4.58
N GLY A 109 21.09 10.33 5.36
CA GLY A 109 22.20 10.06 6.25
C GLY A 109 22.02 10.54 7.67
N HIS A 110 20.85 11.09 8.02
CA HIS A 110 20.59 11.45 9.40
C HIS A 110 20.66 10.21 10.29
N LYS A 111 21.48 10.27 11.33
CA LYS A 111 21.66 9.13 12.22
C LYS A 111 20.46 9.05 13.17
N LEU A 112 19.69 7.98 13.05
CA LEU A 112 18.52 7.74 13.89
C LEU A 112 18.77 6.53 14.78
N GLU A 113 17.87 6.34 15.75
CA GLU A 113 18.03 5.27 16.73
C GLU A 113 16.67 4.86 17.27
N LEU A 114 16.48 3.56 17.45
CA LEU A 114 15.38 3.03 18.23
C LEU A 114 15.92 2.61 19.59
N HIS A 115 15.37 3.17 20.65
CA HIS A 115 15.84 2.87 22.00
C HIS A 115 14.67 2.50 22.90
N VAL A 116 14.86 1.44 23.67
CA VAL A 116 13.89 1.00 24.67
C VAL A 116 14.42 1.39 26.04
N GLY A 117 13.77 2.33 26.68
CA GLY A 117 14.16 2.78 28.01
C GLY A 117 14.02 4.28 28.14
N SER A 118 13.91 4.74 29.39
CA SER A 118 13.78 6.15 29.70
C SER A 118 15.06 6.64 30.36
N LEU A 119 15.12 7.96 30.58
CA LEU A 119 16.27 8.54 31.24
C LEU A 119 16.38 8.04 32.68
N ALA A 120 15.25 7.88 33.36
CA ALA A 120 15.27 7.36 34.73
C ALA A 120 15.87 5.97 34.78
N GLN A 121 15.52 5.12 33.80
CA GLN A 121 16.04 3.76 33.76
C GLN A 121 17.53 3.75 33.40
N ARG A 122 17.96 4.64 32.50
CA ARG A 122 19.38 4.71 32.17
C ARG A 122 20.20 5.12 33.38
N LEU A 123 19.75 6.12 34.13
CA LEU A 123 20.47 6.54 35.32
C LEU A 123 20.59 5.40 36.33
N ALA A 124 19.48 4.69 36.57
CA ALA A 124 19.51 3.57 37.50
C ALA A 124 20.49 2.50 37.07
N ALA A 125 20.57 2.21 35.77
CA ALA A 125 21.53 1.23 35.28
C ALA A 125 22.96 1.74 35.47
N CYS A 126 23.17 3.04 35.28
CA CYS A 126 24.51 3.60 35.47
C CYS A 126 24.90 3.69 36.94
N ARG A 127 23.93 3.56 37.86
CA ARG A 127 24.30 3.56 39.27
C ARG A 127 24.95 2.24 39.68
N GLU A 128 24.58 1.14 39.01
CA GLU A 128 25.18 -0.15 39.31
C GLU A 128 26.54 -0.30 38.63
N GLN A 129 26.66 0.20 37.40
CA GLN A 129 27.91 0.16 36.63
C GLN A 129 28.13 1.54 36.00
N PRO A 130 28.74 2.46 36.74
CA PRO A 130 28.91 3.82 36.23
C PRO A 130 30.03 3.91 35.19
N TYR A 131 29.96 4.97 34.41
CA TYR A 131 30.99 5.28 33.43
C TYR A 131 32.23 5.84 34.12
N LYS A 132 33.31 5.93 33.36
CA LYS A 132 34.56 6.46 33.90
C LYS A 132 34.36 7.90 34.35
N GLY A 133 34.66 8.18 35.62
CA GLY A 133 34.57 9.54 36.12
C GLY A 133 33.15 10.06 36.23
N MET A 134 32.15 9.19 36.17
CA MET A 134 30.76 9.63 36.19
C MET A 134 30.37 10.12 37.58
N VAL A 135 29.57 11.19 37.61
CA VAL A 135 29.01 11.72 38.85
C VAL A 135 27.52 11.96 38.64
N PHE A 136 26.76 11.77 39.71
CA PHE A 136 25.31 11.89 39.67
C PHE A 136 24.87 13.10 40.46
N PHE A 137 23.84 13.79 39.97
CA PHE A 137 23.33 15.01 40.58
C PHE A 137 21.90 14.72 41.04
N GLU A 138 21.73 14.39 42.31
CA GLU A 138 20.44 14.03 42.87
C GLU A 138 19.95 15.15 43.79
N GLN A 139 18.68 15.52 43.65
CA GLN A 139 18.09 16.57 44.47
C GLN A 139 17.23 16.04 45.60
N HIS A 140 16.79 14.79 45.52
CA HIS A 140 15.95 14.16 46.54
C HIS A 140 14.69 14.98 46.82
N MET B 1 5.04 0.33 16.80
CA MET B 1 4.54 1.67 17.07
C MET B 1 5.55 2.52 17.83
N LEU B 2 6.02 3.59 17.20
CA LEU B 2 6.91 4.53 17.86
C LEU B 2 6.08 5.50 18.70
N SER B 3 6.59 5.82 19.89
CA SER B 3 5.84 6.62 20.86
C SER B 3 6.36 8.04 21.02
N GLY B 4 7.38 8.44 20.27
CA GLY B 4 7.86 9.79 20.33
C GLY B 4 9.36 9.85 20.34
N LEU B 5 9.89 11.03 20.61
CA LEU B 5 11.33 11.21 20.71
C LEU B 5 11.81 10.65 22.04
N ASN B 6 12.78 9.74 21.98
CA ASN B 6 13.33 9.18 23.21
C ASN B 6 14.38 10.10 23.81
N HIS B 7 15.42 10.40 23.03
CA HIS B 7 16.46 11.31 23.49
C HIS B 7 17.13 11.96 22.28
N LEU B 8 17.73 13.12 22.53
CA LEU B 8 18.49 13.87 21.52
C LEU B 8 19.95 13.92 21.96
N THR B 9 20.84 13.43 21.13
CA THR B 9 22.26 13.40 21.43
C THR B 9 22.98 14.40 20.53
N LEU B 10 23.72 15.32 21.16
CA LEU B 10 24.49 16.34 20.46
C LEU B 10 25.98 16.05 20.65
N ALA B 11 26.69 15.87 19.55
CA ALA B 11 28.13 15.72 19.61
C ALA B 11 28.77 17.06 19.94
N VAL B 12 29.65 17.08 20.93
CA VAL B 12 30.31 18.30 21.38
C VAL B 12 31.81 18.07 21.38
N SER B 13 32.56 19.14 21.09
CA SER B 13 34.01 19.07 21.04
C SER B 13 34.65 19.35 22.40
N GLN B 14 33.99 20.15 23.23
CA GLN B 14 34.48 20.46 24.57
C GLN B 14 33.31 20.27 25.53
N LEU B 15 33.43 19.28 26.42
CA LEU B 15 32.31 18.91 27.27
C LEU B 15 31.97 19.99 28.28
N ALA B 16 32.97 20.52 28.99
CA ALA B 16 32.71 21.53 29.99
C ALA B 16 31.98 22.76 29.45
N PRO B 17 32.42 23.40 28.35
CA PRO B 17 31.65 24.54 27.84
C PRO B 17 30.23 24.18 27.43
N SER B 18 30.03 23.02 26.81
CA SER B 18 28.69 22.64 26.37
C SER B 18 27.76 22.38 27.54
N VAL B 19 28.25 21.70 28.57
CA VAL B 19 27.42 21.44 29.76
C VAL B 19 26.98 22.74 30.40
N ALA B 20 27.87 23.73 30.45
CA ALA B 20 27.50 25.02 31.02
C ALA B 20 26.44 25.72 30.16
N PHE B 21 26.56 25.65 28.84
CA PHE B 21 25.62 26.34 27.97
C PHE B 21 24.19 25.85 28.20
N TYR B 22 24.00 24.53 28.25
CA TYR B 22 22.65 24.00 28.37
C TYR B 22 22.13 24.05 29.80
N GLN B 23 23.01 23.92 30.79
CA GLN B 23 22.56 23.98 32.18
C GLN B 23 22.49 25.42 32.71
N GLN B 24 23.54 26.22 32.47
CA GLN B 24 23.55 27.57 33.02
C GLN B 24 22.67 28.51 32.19
N LEU B 25 22.96 28.64 30.90
CA LEU B 25 22.25 29.61 30.07
C LEU B 25 20.81 29.19 29.83
N LEU B 26 20.60 27.93 29.43
CA LEU B 26 19.27 27.44 29.08
C LEU B 26 18.52 26.86 30.28
N GLY B 27 19.16 26.77 31.45
CA GLY B 27 18.46 26.35 32.64
C GLY B 27 18.02 24.92 32.69
N MET B 28 18.58 24.06 31.83
CA MET B 28 18.21 22.66 31.85
C MET B 28 18.79 21.97 33.09
N THR B 29 18.16 20.86 33.47
CA THR B 29 18.54 20.11 34.66
C THR B 29 19.61 19.11 34.31
N LEU B 30 20.78 19.24 34.93
CA LEU B 30 21.88 18.31 34.72
C LEU B 30 21.73 17.14 35.70
N HIS B 31 21.58 15.93 35.15
CA HIS B 31 21.35 14.75 35.96
C HIS B 31 22.63 13.94 36.20
N ALA B 32 23.49 13.84 35.19
CA ALA B 32 24.71 13.08 35.33
C ALA B 32 25.76 13.63 34.36
N ARG B 33 27.02 13.33 34.66
CA ARG B 33 28.13 13.80 33.84
C ARG B 33 29.31 12.87 34.06
N TRP B 34 29.92 12.42 32.96
CA TRP B 34 31.09 11.56 33.00
C TRP B 34 32.13 12.09 32.00
N ASP B 35 33.26 11.39 31.91
CA ASP B 35 34.37 11.88 31.09
C ASP B 35 34.03 11.95 29.61
N SER B 36 32.92 11.36 29.17
CA SER B 36 32.57 11.32 27.76
C SER B 36 31.25 12.00 27.45
N GLY B 37 30.56 12.57 28.43
CA GLY B 37 29.30 13.22 28.14
C GLY B 37 28.56 13.63 29.39
N ALA B 38 27.28 13.96 29.19
CA ALA B 38 26.42 14.41 30.27
C ALA B 38 24.96 14.15 29.89
N TYR B 39 24.14 13.92 30.91
CA TYR B 39 22.70 13.72 30.75
C TYR B 39 21.96 14.93 31.29
N LEU B 40 21.14 15.55 30.45
CA LEU B 40 20.29 16.65 30.88
C LEU B 40 18.86 16.38 30.44
N SER B 41 17.92 17.05 31.10
CA SER B 41 16.50 16.91 30.78
C SER B 41 15.88 18.29 30.65
N CYS B 42 14.93 18.42 29.73
CA CYS B 42 14.19 19.65 29.48
C CYS B 42 12.72 19.25 29.35
N GLY B 43 12.00 19.28 30.47
CA GLY B 43 10.63 18.82 30.47
C GLY B 43 10.56 17.33 30.16
N ASP B 44 9.92 16.98 29.05
CA ASP B 44 9.85 15.61 28.59
C ASP B 44 11.05 15.22 27.73
N LEU B 45 11.97 16.15 27.50
CA LEU B 45 13.12 15.91 26.62
C LEU B 45 14.28 15.33 27.40
N TRP B 46 14.88 14.27 26.85
CA TRP B 46 16.12 13.70 27.36
C TRP B 46 17.25 14.18 26.47
N LEU B 47 18.08 15.09 26.97
CA LEU B 47 19.20 15.63 26.22
C LEU B 47 20.49 14.96 26.69
N CYS B 48 21.29 14.50 25.74
CA CYS B 48 22.58 13.90 26.03
C CYS B 48 23.67 14.60 25.23
N LEU B 49 24.65 15.16 25.92
CA LEU B 49 25.84 15.69 25.28
C LEU B 49 26.90 14.59 25.27
N SER B 50 27.46 14.32 24.09
CA SER B 50 28.47 13.29 23.94
C SER B 50 29.73 13.92 23.37
N LEU B 51 30.85 13.76 24.10
CA LEU B 51 32.13 14.29 23.64
C LEU B 51 32.61 13.49 22.44
N ASP B 52 32.72 14.16 21.29
CA ASP B 52 33.12 13.51 20.05
C ASP B 52 34.29 14.30 19.46
N PRO B 53 35.47 13.70 19.33
CA PRO B 53 36.58 14.39 18.67
C PRO B 53 36.31 14.69 17.21
N GLN B 54 35.34 13.99 16.60
CA GLN B 54 34.93 14.26 15.23
C GLN B 54 34.17 15.57 15.09
N ARG B 55 33.83 16.22 16.20
CA ARG B 55 33.01 17.42 16.17
C ARG B 55 33.88 18.64 15.86
N ARG B 56 33.53 19.36 14.80
CA ARG B 56 34.19 20.60 14.44
C ARG B 56 33.23 21.76 14.66
N VAL B 57 33.77 22.87 15.19
CA VAL B 57 32.97 24.07 15.40
C VAL B 57 32.52 24.59 14.04
N THR B 58 31.23 24.49 13.75
CA THR B 58 30.73 24.75 12.41
C THR B 58 30.05 26.11 12.35
N PRO B 59 30.54 27.04 11.54
CA PRO B 59 29.81 28.28 11.33
C PRO B 59 28.48 28.00 10.64
N PRO B 60 27.49 28.86 10.83
CA PRO B 60 26.14 28.55 10.31
C PRO B 60 26.08 28.42 8.79
N GLU B 61 26.97 29.08 8.05
CA GLU B 61 26.94 29.02 6.60
C GLU B 61 27.51 27.72 6.04
N GLU B 62 28.21 26.93 6.84
CA GLU B 62 28.77 25.66 6.39
C GLU B 62 27.98 24.46 6.86
N SER B 63 26.81 24.67 7.45
CA SER B 63 25.93 23.59 7.88
C SER B 63 24.53 23.82 7.31
N ASP B 64 23.76 22.74 7.21
CA ASP B 64 22.44 22.80 6.60
C ASP B 64 21.41 23.33 7.60
N TYR B 65 20.14 23.26 7.22
CA TYR B 65 19.03 23.84 7.98
C TYR B 65 18.61 23.01 9.16
N THR B 66 19.19 21.82 9.36
CA THR B 66 18.82 20.97 10.48
C THR B 66 18.97 21.72 11.80
N HIS B 67 17.88 21.81 12.56
CA HIS B 67 17.89 22.52 13.83
C HIS B 67 16.94 21.85 14.81
N TYR B 68 17.08 22.23 16.07
CA TYR B 68 16.31 21.66 17.18
C TYR B 68 15.69 22.81 17.96
N ALA B 69 14.37 22.79 18.13
CA ALA B 69 13.65 23.90 18.74
C ALA B 69 13.09 23.52 20.09
N PHE B 70 13.22 24.43 21.06
CA PHE B 70 12.71 24.22 22.41
C PHE B 70 11.45 25.03 22.62
N SER B 71 10.51 24.47 23.38
CA SER B 71 9.27 25.16 23.69
C SER B 71 9.49 26.17 24.81
N ILE B 72 8.80 27.31 24.70
CA ILE B 72 8.84 28.34 25.73
C ILE B 72 7.52 29.08 25.72
N SER B 73 7.08 29.50 26.90
CA SER B 73 5.80 30.19 27.02
C SER B 73 5.89 31.60 26.43
N GLU B 74 4.71 32.13 26.07
CA GLU B 74 4.63 33.47 25.50
C GLU B 74 5.23 34.51 26.44
N ALA B 75 4.96 34.38 27.75
CA ALA B 75 5.45 35.36 28.71
C ALA B 75 6.97 35.34 28.82
N ASP B 76 7.57 34.15 28.78
CA ASP B 76 9.00 34.00 29.00
C ASP B 76 9.84 34.21 27.75
N PHE B 77 9.22 34.30 26.56
CA PHE B 77 10.00 34.38 25.33
C PHE B 77 10.91 35.59 25.31
N ALA B 78 10.33 36.78 25.43
CA ALA B 78 11.08 38.03 25.24
C ALA B 78 12.28 38.11 26.18
N SER B 79 12.06 37.85 27.47
CA SER B 79 13.15 37.94 28.44
C SER B 79 14.22 36.89 28.17
N PHE B 80 13.83 35.70 27.73
CA PHE B 80 14.81 34.65 27.46
C PHE B 80 15.64 34.97 26.23
N ALA B 81 14.99 35.49 25.17
CA ALA B 81 15.76 35.92 24.00
C ALA B 81 16.71 37.06 24.34
N ALA B 82 16.31 37.94 25.26
CA ALA B 82 17.21 39.00 25.71
C ALA B 82 18.36 38.43 26.53
N ARG B 83 18.08 37.42 27.36
CA ARG B 83 19.13 36.79 28.15
C ARG B 83 20.23 36.21 27.25
N LEU B 84 19.82 35.52 26.18
CA LEU B 84 20.80 34.91 25.29
C LEU B 84 21.63 35.95 24.56
N GLU B 85 20.99 37.01 24.06
CA GLU B 85 21.73 38.08 23.40
C GLU B 85 22.66 38.79 24.37
N ALA B 86 22.23 38.98 25.61
CA ALA B 86 23.09 39.62 26.60
C ALA B 86 24.32 38.78 26.91
N ALA B 87 24.19 37.45 26.82
CA ALA B 87 25.31 36.55 27.03
C ALA B 87 26.15 36.37 25.77
N GLY B 88 25.79 37.02 24.67
CA GLY B 88 26.56 36.95 23.44
C GLY B 88 26.25 35.79 22.52
N VAL B 89 25.12 35.10 22.73
CA VAL B 89 24.78 33.96 21.88
C VAL B 89 24.46 34.46 20.48
N ALA B 90 25.05 33.81 19.47
CA ALA B 90 24.89 34.24 18.09
C ALA B 90 23.55 33.82 17.51
N VAL B 91 23.03 34.64 16.60
CA VAL B 91 21.77 34.38 15.90
C VAL B 91 22.10 33.96 14.47
N TRP B 92 21.40 32.94 13.97
CA TRP B 92 21.63 32.41 12.63
C TRP B 92 20.44 32.56 11.69
N LYS B 93 19.32 33.11 12.15
CA LYS B 93 18.15 33.28 11.31
C LYS B 93 17.20 34.27 11.98
N LEU B 94 16.52 35.07 11.17
CA LEU B 94 15.53 36.02 11.67
C LEU B 94 14.14 35.41 11.60
N ASN B 95 13.30 35.76 12.58
CA ASN B 95 11.96 35.20 12.65
C ASN B 95 11.06 35.89 11.62
N ARG B 96 10.37 35.09 10.81
CA ARG B 96 9.43 35.60 9.83
C ARG B 96 8.09 34.88 9.84
N SER B 97 7.98 33.74 10.49
CA SER B 97 6.75 32.96 10.50
C SER B 97 5.91 33.30 11.73
N GLU B 98 4.75 32.68 11.84
CA GLU B 98 3.86 32.92 12.96
C GLU B 98 4.49 32.42 14.25
N GLY B 99 4.15 33.10 15.35
CA GLY B 99 4.69 32.75 16.64
C GLY B 99 6.09 33.29 16.84
N ALA B 100 6.45 33.42 18.12
CA ALA B 100 7.76 33.92 18.48
C ALA B 100 8.82 32.86 18.23
N SER B 101 9.91 33.24 17.56
CA SER B 101 10.99 32.31 17.26
C SER B 101 12.33 33.05 17.36
N HIS B 102 13.27 32.48 18.11
CA HIS B 102 14.61 33.01 18.24
C HIS B 102 15.61 31.92 17.91
N TYR B 103 16.35 32.12 16.82
CA TYR B 103 17.32 31.15 16.32
C TYR B 103 18.71 31.50 16.83
N PHE B 104 19.31 30.60 17.61
CA PHE B 104 20.61 30.84 18.19
C PHE B 104 21.49 29.61 18.04
N LEU B 105 22.77 29.77 18.31
CA LEU B 105 23.76 28.72 18.17
C LEU B 105 24.33 28.32 19.53
N ASP B 106 24.65 27.03 19.67
CA ASP B 106 25.27 26.51 20.88
C ASP B 106 26.78 26.62 20.70
N PRO B 107 27.61 26.30 21.71
CA PRO B 107 29.06 26.48 21.55
C PRO B 107 29.67 25.78 20.34
N ASP B 108 29.10 24.67 19.88
CA ASP B 108 29.66 23.91 18.77
C ASP B 108 29.03 24.26 17.43
N GLY B 109 28.09 25.19 17.39
CA GLY B 109 27.45 25.58 16.14
C GLY B 109 26.16 24.86 15.84
N HIS B 110 25.67 24.01 16.73
CA HIS B 110 24.38 23.37 16.54
C HIS B 110 23.29 24.44 16.48
N LYS B 111 22.48 24.39 15.43
CA LYS B 111 21.44 25.39 15.24
C LYS B 111 20.26 25.06 16.15
N LEU B 112 19.99 25.95 17.10
CA LEU B 112 18.90 25.80 18.06
C LEU B 112 17.83 26.85 17.81
N GLU B 113 16.69 26.68 18.48
CA GLU B 113 15.57 27.57 18.28
C GLU B 113 14.69 27.61 19.53
N LEU B 114 14.21 28.80 19.87
CA LEU B 114 13.14 28.98 20.84
C LEU B 114 11.87 29.29 20.06
N HIS B 115 10.83 28.47 20.25
CA HIS B 115 9.58 28.66 19.52
C HIS B 115 8.40 28.65 20.48
N VAL B 116 7.48 29.59 20.28
CA VAL B 116 6.23 29.66 21.02
C VAL B 116 5.13 29.19 20.08
N GLY B 117 4.56 28.04 20.38
CA GLY B 117 3.47 27.48 19.59
C GLY B 117 3.62 25.99 19.43
N SER B 118 2.50 25.33 19.16
CA SER B 118 2.45 23.89 18.96
C SER B 118 2.17 23.56 17.49
N LEU B 119 2.25 22.28 17.17
CA LEU B 119 1.96 21.85 15.80
C LEU B 119 0.51 22.10 15.43
N ALA B 120 -0.41 21.91 16.38
CA ALA B 120 -1.82 22.17 16.11
C ALA B 120 -2.05 23.64 15.77
N GLN B 121 -1.38 24.55 16.49
CA GLN B 121 -1.53 25.97 16.21
C GLN B 121 -0.89 26.35 14.89
N ARG B 122 0.25 25.74 14.57
CA ARG B 122 0.89 26.01 13.27
C ARG B 122 0.00 25.53 12.13
N LEU B 123 -0.58 24.33 12.27
CA LEU B 123 -1.48 23.81 11.24
C LEU B 123 -2.68 24.73 11.05
N ALA B 124 -3.29 25.17 12.15
CA ALA B 124 -4.44 26.07 12.06
C ALA B 124 -4.08 27.36 11.34
N ALA B 125 -2.89 27.90 11.61
CA ALA B 125 -2.46 29.11 10.92
C ALA B 125 -2.27 28.87 9.43
N CYS B 126 -1.76 27.70 9.06
CA CYS B 126 -1.56 27.40 7.64
C CYS B 126 -2.86 27.16 6.90
N ARG B 127 -3.97 26.93 7.61
CA ARG B 127 -5.24 26.78 6.89
C ARG B 127 -5.75 28.13 6.40
N GLU B 128 -5.44 29.21 7.10
CA GLU B 128 -5.87 30.53 6.66
C GLU B 128 -4.92 31.09 5.59
N GLN B 129 -3.62 30.85 5.74
CA GLN B 129 -2.62 31.30 4.77
C GLN B 129 -1.66 30.15 4.51
N PRO B 130 -2.01 29.27 3.58
CA PRO B 130 -1.18 28.09 3.34
C PRO B 130 0.09 28.41 2.56
N TYR B 131 1.06 27.50 2.69
CA TYR B 131 2.28 27.59 1.91
C TYR B 131 2.02 27.17 0.48
N LYS B 132 3.00 27.42 -0.39
CA LYS B 132 2.86 27.09 -1.80
C LYS B 132 2.66 25.59 -1.98
N GLY B 133 1.57 25.22 -2.65
CA GLY B 133 1.30 23.83 -2.93
C GLY B 133 1.01 22.99 -1.71
N MET B 134 0.70 23.62 -0.58
CA MET B 134 0.49 22.88 0.65
C MET B 134 -0.84 22.13 0.61
N VAL B 135 -0.83 20.91 1.17
CA VAL B 135 -2.03 20.09 1.29
C VAL B 135 -2.08 19.54 2.70
N PHE B 136 -3.30 19.39 3.22
CA PHE B 136 -3.53 18.92 4.58
C PHE B 136 -4.14 17.53 4.54
N PHE B 137 -3.75 16.70 5.50
CA PHE B 137 -4.21 15.32 5.60
C PHE B 137 -5.05 15.16 6.86
N GLU B 138 -6.25 15.73 6.83
CA GLU B 138 -7.15 15.71 7.98
C GLU B 138 -8.10 14.52 7.90
N GLN B 139 -8.32 13.87 9.04
CA GLN B 139 -9.23 12.74 9.11
C GLN B 139 -10.63 13.14 9.56
N HIS B 140 -10.79 14.32 10.16
CA HIS B 140 -12.06 14.83 10.65
C HIS B 140 -12.72 13.86 11.63
N HIS B 141 -12.42 14.00 12.91
CA HIS B 141 -13.02 13.17 13.94
C HIS B 141 -13.91 14.01 14.86
N MET C 1 28.89 -21.18 -31.36
CA MET C 1 28.39 -19.84 -31.61
C MET C 1 27.43 -19.38 -30.51
N LEU C 2 27.84 -18.33 -29.79
CA LEU C 2 26.99 -17.74 -28.77
C LEU C 2 26.01 -16.76 -29.41
N SER C 3 24.78 -16.74 -28.89
CA SER C 3 23.71 -15.96 -29.50
C SER C 3 23.34 -14.71 -28.71
N GLY C 4 24.02 -14.43 -27.61
CA GLY C 4 23.79 -13.21 -26.85
C GLY C 4 23.77 -13.48 -25.37
N LEU C 5 23.38 -12.46 -24.62
CA LEU C 5 23.27 -12.57 -23.16
C LEU C 5 21.99 -13.30 -22.81
N ASN C 6 22.10 -14.36 -22.01
CA ASN C 6 20.92 -15.11 -21.61
C ASN C 6 20.20 -14.43 -20.46
N HIS C 7 20.90 -14.19 -19.36
CA HIS C 7 20.31 -13.52 -18.22
C HIS C 7 21.40 -12.82 -17.42
N LEU C 8 20.98 -11.83 -16.64
CA LEU C 8 21.87 -11.06 -15.77
C LEU C 8 21.44 -11.31 -14.33
N THR C 9 22.36 -11.83 -13.53
CA THR C 9 22.10 -12.14 -12.14
C THR C 9 22.85 -11.14 -11.26
N LEU C 10 22.11 -10.44 -10.41
CA LEU C 10 22.65 -9.45 -9.50
C LEU C 10 22.50 -9.97 -8.07
N ALA C 11 23.62 -10.08 -7.36
CA ALA C 11 23.56 -10.44 -5.95
C ALA C 11 23.03 -9.27 -5.14
N VAL C 12 22.01 -9.53 -4.32
CA VAL C 12 21.37 -8.49 -3.52
C VAL C 12 21.36 -8.96 -2.07
N SER C 13 21.50 -8.00 -1.15
CA SER C 13 21.50 -8.31 0.27
C SER C 13 20.12 -8.29 0.88
N GLN C 14 19.22 -7.48 0.34
CA GLN C 14 17.84 -7.39 0.82
C GLN C 14 16.91 -7.43 -0.39
N LEU C 15 16.09 -8.47 -0.44
CA LEU C 15 15.27 -8.72 -1.62
C LEU C 15 14.22 -7.62 -1.82
N ALA C 16 13.51 -7.25 -0.75
CA ALA C 16 12.45 -6.25 -0.89
C ALA C 16 12.94 -4.93 -1.45
N PRO C 17 14.03 -4.31 -0.96
CA PRO C 17 14.48 -3.06 -1.59
C PRO C 17 14.87 -3.22 -3.04
N SER C 18 15.55 -4.32 -3.39
CA SER C 18 15.99 -4.53 -4.76
C SER C 18 14.81 -4.76 -5.70
N VAL C 19 13.84 -5.57 -5.27
CA VAL C 19 12.66 -5.82 -6.10
C VAL C 19 11.91 -4.52 -6.37
N ALA C 20 11.80 -3.66 -5.35
CA ALA C 20 11.15 -2.38 -5.56
C ALA C 20 11.95 -1.49 -6.51
N PHE C 21 13.28 -1.48 -6.37
CA PHE C 21 14.11 -0.61 -7.20
C PHE C 21 13.93 -0.92 -8.67
N TYR C 22 14.01 -2.19 -9.05
CA TYR C 22 13.92 -2.55 -10.46
C TYR C 22 12.48 -2.60 -10.96
N GLN C 23 11.53 -2.95 -10.11
CA GLN C 23 10.13 -3.00 -10.53
C GLN C 23 9.43 -1.65 -10.39
N GLN C 24 9.58 -0.99 -9.24
CA GLN C 24 8.88 0.28 -9.03
C GLN C 24 9.62 1.42 -9.71
N LEU C 25 10.88 1.65 -9.34
CA LEU C 25 11.62 2.80 -9.85
C LEU C 25 11.95 2.63 -11.34
N LEU C 26 12.48 1.47 -11.72
CA LEU C 26 12.91 1.26 -13.09
C LEU C 26 11.80 0.73 -13.98
N GLY C 27 10.63 0.43 -13.42
CA GLY C 27 9.48 0.04 -14.22
C GLY C 27 9.58 -1.30 -14.91
N MET C 28 10.49 -2.16 -14.48
CA MET C 28 10.62 -3.47 -15.09
C MET C 28 9.45 -4.37 -14.71
N THR C 29 9.23 -5.38 -15.54
CA THR C 29 8.11 -6.30 -15.38
C THR C 29 8.53 -7.45 -14.46
N LEU C 30 7.82 -7.59 -13.34
CA LEU C 30 8.08 -8.65 -12.37
C LEU C 30 7.29 -9.90 -12.75
N HIS C 31 8.01 -11.00 -13.01
CA HIS C 31 7.39 -12.25 -13.46
C HIS C 31 7.22 -13.28 -12.34
N ALA C 32 8.20 -13.41 -11.46
CA ALA C 32 8.12 -14.38 -10.37
C ALA C 32 8.99 -13.91 -9.22
N ARG C 33 8.72 -14.44 -8.04
CA ARG C 33 9.46 -14.05 -6.84
C ARG C 33 9.40 -15.15 -5.80
N TRP C 34 10.57 -15.52 -5.26
CA TRP C 34 10.66 -16.54 -4.21
C TRP C 34 11.58 -16.02 -3.11
N ASP C 35 11.78 -16.85 -2.08
CA ASP C 35 12.52 -16.44 -0.89
C ASP C 35 13.99 -16.12 -1.16
N SER C 36 14.52 -16.51 -2.31
CA SER C 36 15.94 -16.31 -2.60
C SER C 36 16.18 -15.42 -3.80
N GLY C 37 15.13 -14.91 -4.44
CA GLY C 37 15.33 -14.04 -5.58
C GLY C 37 14.05 -13.71 -6.29
N ALA C 38 14.20 -13.15 -7.49
CA ALA C 38 13.07 -12.73 -8.31
C ALA C 38 13.49 -12.66 -9.77
N TYR C 39 12.52 -12.87 -10.65
CA TYR C 39 12.71 -12.80 -12.09
C TYR C 39 12.04 -11.54 -12.61
N LEU C 40 12.81 -10.69 -13.29
CA LEU C 40 12.28 -9.52 -13.95
C LEU C 40 12.75 -9.48 -15.39
N SER C 41 12.00 -8.75 -16.22
CA SER C 41 12.33 -8.59 -17.62
C SER C 41 12.29 -7.13 -18.01
N CYS C 42 13.20 -6.75 -18.90
CA CYS C 42 13.29 -5.39 -19.44
C CYS C 42 13.55 -5.54 -20.93
N GLY C 43 12.47 -5.59 -21.72
CA GLY C 43 12.62 -5.82 -23.13
C GLY C 43 13.17 -7.21 -23.41
N ASP C 44 14.35 -7.27 -24.03
CA ASP C 44 15.02 -8.55 -24.28
C ASP C 44 15.89 -8.99 -23.11
N LEU C 45 15.96 -8.21 -22.04
CA LEU C 45 16.84 -8.52 -20.92
C LEU C 45 16.11 -9.40 -19.91
N TRP C 46 16.77 -10.47 -19.50
CA TRP C 46 16.29 -11.34 -18.43
C TRP C 46 17.08 -10.97 -17.18
N LEU C 47 16.41 -10.32 -16.24
CA LEU C 47 17.04 -9.88 -15.00
C LEU C 47 16.69 -10.84 -13.87
N CYS C 48 17.70 -11.24 -13.12
CA CYS C 48 17.53 -12.11 -11.96
C CYS C 48 18.15 -11.45 -10.75
N LEU C 49 17.33 -11.22 -9.73
CA LEU C 49 17.83 -10.79 -8.43
C LEU C 49 18.04 -12.05 -7.59
N SER C 50 19.24 -12.19 -7.01
CA SER C 50 19.56 -13.36 -6.21
C SER C 50 19.98 -12.92 -4.82
N LEU C 51 19.26 -13.40 -3.81
CA LEU C 51 19.61 -13.08 -2.42
C LEU C 51 20.88 -13.81 -2.02
N ASP C 52 21.94 -13.05 -1.75
CA ASP C 52 23.25 -13.61 -1.42
C ASP C 52 23.70 -12.99 -0.10
N PRO C 53 23.87 -13.78 0.97
CA PRO C 53 24.40 -13.21 2.22
C PRO C 53 25.82 -12.69 2.10
N GLN C 54 26.57 -13.11 1.09
CA GLN C 54 27.90 -12.57 0.85
C GLN C 54 27.88 -11.17 0.29
N ARG C 55 26.70 -10.65 -0.08
CA ARG C 55 26.60 -9.35 -0.73
C ARG C 55 26.62 -8.24 0.30
N ARG C 56 27.57 -7.32 0.15
CA ARG C 56 27.66 -6.13 0.99
C ARG C 56 27.35 -4.90 0.14
N VAL C 57 26.61 -3.95 0.71
CA VAL C 57 26.29 -2.71 0.02
C VAL C 57 27.59 -1.96 -0.19
N THR C 58 28.02 -1.85 -1.45
CA THR C 58 29.35 -1.35 -1.77
C THR C 58 29.27 0.08 -2.28
N PRO C 59 29.91 1.03 -1.62
CA PRO C 59 29.97 2.38 -2.18
C PRO C 59 30.75 2.37 -3.49
N PRO C 60 30.49 3.34 -4.37
CA PRO C 60 31.09 3.29 -5.71
C PRO C 60 32.61 3.33 -5.73
N GLU C 61 33.25 3.96 -4.74
CA GLU C 61 34.70 4.03 -4.73
C GLU C 61 35.36 2.72 -4.32
N GLU C 62 34.60 1.78 -3.75
CA GLU C 62 35.14 0.50 -3.30
C GLU C 62 34.86 -0.63 -4.30
N SER C 63 34.33 -0.30 -5.47
CA SER C 63 34.09 -1.28 -6.52
C SER C 63 34.73 -0.75 -7.81
N ASP C 64 35.00 -1.68 -8.72
CA ASP C 64 35.69 -1.33 -9.96
C ASP C 64 34.71 -0.73 -10.95
N TYR C 65 35.16 -0.53 -12.19
CA TYR C 65 34.37 0.17 -13.20
C TYR C 65 33.27 -0.69 -13.79
N THR C 66 33.20 -1.97 -13.43
CA THR C 66 32.17 -2.85 -13.96
C THR C 66 30.78 -2.30 -13.67
N HIS C 67 30.01 -2.10 -14.73
CA HIS C 67 28.66 -1.57 -14.61
C HIS C 67 27.79 -2.17 -15.71
N TYR C 68 26.48 -1.98 -15.56
CA TYR C 68 25.49 -2.55 -16.46
C TYR C 68 24.57 -1.43 -16.93
N ALA C 69 24.46 -1.27 -18.25
CA ALA C 69 23.75 -0.15 -18.84
C ALA C 69 22.48 -0.60 -19.54
N PHE C 70 21.41 0.15 -19.33
CA PHE C 70 20.13 -0.13 -19.96
C PHE C 70 19.87 0.85 -21.10
N SER C 71 19.22 0.37 -22.16
CA SER C 71 18.90 1.22 -23.30
C SER C 71 17.69 2.08 -22.99
N ILE C 72 17.73 3.31 -23.50
CA ILE C 72 16.60 4.24 -23.37
C ILE C 72 16.60 5.15 -24.59
N SER C 73 15.40 5.50 -25.03
CA SER C 73 15.25 6.33 -26.23
C SER C 73 15.66 7.77 -25.95
N GLU C 74 15.99 8.48 -27.03
CA GLU C 74 16.38 9.88 -26.92
C GLU C 74 15.32 10.71 -26.21
N ALA C 75 14.04 10.48 -26.52
CA ALA C 75 12.97 11.25 -25.92
C ALA C 75 12.81 10.95 -24.43
N ASP C 76 12.96 9.69 -24.04
CA ASP C 76 12.66 9.27 -22.67
C ASP C 76 13.80 9.51 -21.69
N PHE C 77 14.99 9.86 -22.17
CA PHE C 77 16.15 9.95 -21.27
C PHE C 77 15.92 10.98 -20.17
N ALA C 78 15.68 12.24 -20.55
CA ALA C 78 15.62 13.33 -19.58
C ALA C 78 14.60 13.08 -18.48
N SER C 79 13.37 12.70 -18.86
CA SER C 79 12.33 12.48 -17.86
C SER C 79 12.64 11.31 -16.95
N PHE C 80 13.30 10.27 -17.47
CA PHE C 80 13.63 9.11 -16.64
C PHE C 80 14.72 9.45 -15.64
N ALA C 81 15.74 10.20 -16.07
CA ALA C 81 16.78 10.63 -15.15
C ALA C 81 16.22 11.53 -14.06
N ALA C 82 15.19 12.32 -14.36
CA ALA C 82 14.57 13.16 -13.34
C ALA C 82 13.87 12.32 -12.28
N ARG C 83 13.24 11.22 -12.69
CA ARG C 83 12.63 10.32 -11.71
C ARG C 83 13.67 9.79 -10.73
N LEU C 84 14.82 9.37 -11.25
CA LEU C 84 15.86 8.81 -10.38
C LEU C 84 16.41 9.86 -9.43
N GLU C 85 16.65 11.07 -9.93
CA GLU C 85 17.12 12.15 -9.06
C GLU C 85 16.06 12.51 -8.03
N ALA C 86 14.80 12.52 -8.43
CA ALA C 86 13.71 12.84 -7.50
C ALA C 86 13.54 11.75 -6.45
N ALA C 87 13.84 10.50 -6.79
CA ALA C 87 13.73 9.40 -5.85
C ALA C 87 14.96 9.26 -4.96
N GLY C 88 15.96 10.11 -5.12
CA GLY C 88 17.14 10.07 -4.27
C GLY C 88 18.21 9.10 -4.71
N VAL C 89 18.14 8.59 -5.94
CA VAL C 89 19.15 7.65 -6.41
C VAL C 89 20.47 8.37 -6.60
N ALA C 90 21.54 7.79 -6.08
CA ALA C 90 22.86 8.41 -6.12
C ALA C 90 23.51 8.24 -7.49
N VAL C 91 24.35 9.21 -7.85
CA VAL C 91 25.10 9.19 -9.10
C VAL C 91 26.56 8.88 -8.78
N TRP C 92 27.17 8.02 -9.60
CA TRP C 92 28.55 7.59 -9.38
C TRP C 92 29.49 8.01 -10.49
N LYS C 93 29.00 8.71 -11.52
CA LYS C 93 29.85 9.13 -12.63
C LYS C 93 29.13 10.22 -13.42
N LEU C 94 29.89 11.20 -13.90
CA LEU C 94 29.36 12.27 -14.72
C LEU C 94 29.55 11.94 -16.19
N ASN C 95 28.59 12.37 -17.01
CA ASN C 95 28.61 12.05 -18.44
C ASN C 95 29.63 12.91 -19.17
N ARG C 96 30.50 12.27 -19.95
CA ARG C 96 31.48 12.97 -20.77
C ARG C 96 31.56 12.46 -22.20
N SER C 97 31.01 11.28 -22.51
CA SER C 97 31.10 10.69 -23.83
C SER C 97 29.87 11.04 -24.66
N GLU C 98 29.86 10.57 -25.90
CA GLU C 98 28.74 10.83 -26.79
C GLU C 98 27.49 10.11 -26.29
N GLY C 99 26.34 10.71 -26.57
CA GLY C 99 25.08 10.16 -26.14
C GLY C 99 24.79 10.48 -24.69
N ALA C 100 23.50 10.44 -24.36
CA ALA C 100 23.07 10.74 -23.00
C ALA C 100 23.40 9.57 -22.08
N SER C 101 24.01 9.87 -20.94
CA SER C 101 24.40 8.83 -19.99
C SER C 101 24.17 9.32 -18.57
N HIS C 102 23.47 8.52 -17.78
CA HIS C 102 23.23 8.79 -16.36
C HIS C 102 23.67 7.58 -15.56
N TYR C 103 24.71 7.76 -14.75
CA TYR C 103 25.29 6.68 -13.97
C TYR C 103 24.72 6.72 -12.56
N PHE C 104 24.04 5.65 -12.16
CA PHE C 104 23.38 5.61 -10.87
C PHE C 104 23.64 4.25 -10.20
N LEU C 105 23.31 4.18 -8.92
CA LEU C 105 23.55 3.02 -8.08
C LEU C 105 22.23 2.40 -7.67
N ASP C 106 22.22 1.08 -7.55
CA ASP C 106 21.06 0.34 -7.05
C ASP C 106 21.16 0.22 -5.54
N PRO C 107 20.14 -0.31 -4.86
CA PRO C 107 20.21 -0.37 -3.38
C PRO C 107 21.45 -1.05 -2.83
N ASP C 108 22.02 -2.01 -3.55
CA ASP C 108 23.18 -2.75 -3.08
C ASP C 108 24.50 -2.22 -3.60
N GLY C 109 24.47 -1.13 -4.38
CA GLY C 109 25.68 -0.53 -4.89
C GLY C 109 26.08 -0.96 -6.29
N HIS C 110 25.28 -1.80 -6.96
CA HIS C 110 25.58 -2.15 -8.33
C HIS C 110 25.57 -0.92 -9.21
N LYS C 111 26.64 -0.73 -9.97
CA LYS C 111 26.77 0.45 -10.82
C LYS C 111 25.95 0.25 -12.09
N LEU C 112 24.94 1.08 -12.29
CA LEU C 112 24.06 1.03 -13.44
C LEU C 112 24.27 2.26 -14.32
N GLU C 113 23.70 2.20 -15.52
CA GLU C 113 23.87 3.27 -16.49
C GLU C 113 22.67 3.32 -17.42
N LEU C 114 22.22 4.52 -17.73
CA LEU C 114 21.28 4.76 -18.82
C LEU C 114 22.05 5.37 -19.99
N HIS C 115 22.00 4.73 -21.15
CA HIS C 115 22.74 5.23 -22.30
C HIS C 115 21.82 5.33 -23.51
N VAL C 116 21.92 6.45 -24.21
CA VAL C 116 21.20 6.66 -25.46
C VAL C 116 22.19 6.50 -26.59
N GLY C 117 22.05 5.42 -27.34
CA GLY C 117 22.91 5.13 -28.48
C GLY C 117 23.22 3.65 -28.54
N SER C 118 23.57 3.19 -29.73
CA SER C 118 23.91 1.80 -29.97
C SER C 118 25.40 1.66 -30.25
N LEU C 119 25.84 0.40 -30.36
CA LEU C 119 27.24 0.15 -30.72
C LEU C 119 27.55 0.66 -32.11
N ALA C 120 26.60 0.52 -33.04
CA ALA C 120 26.82 1.02 -34.41
C ALA C 120 27.02 2.53 -34.42
N GLN C 121 26.24 3.26 -33.62
CA GLN C 121 26.42 4.71 -33.55
C GLN C 121 27.70 5.07 -32.81
N ARG C 122 28.04 4.31 -31.77
CA ARG C 122 29.28 4.55 -31.03
C ARG C 122 30.50 4.36 -31.92
N LEU C 123 30.53 3.28 -32.69
CA LEU C 123 31.65 3.03 -33.58
C LEU C 123 31.80 4.14 -34.61
N ALA C 124 30.69 4.55 -35.24
CA ALA C 124 30.73 5.64 -36.21
C ALA C 124 31.24 6.93 -35.57
N ALA C 125 30.81 7.20 -34.34
CA ALA C 125 31.30 8.39 -33.64
C ALA C 125 32.79 8.28 -33.31
N CYS C 126 33.24 7.08 -32.95
CA CYS C 126 34.65 6.89 -32.62
C CYS C 126 35.55 6.94 -33.84
N ARG C 127 35.02 6.82 -35.05
CA ARG C 127 35.87 6.97 -36.23
C ARG C 127 36.20 8.42 -36.52
N GLU C 128 35.28 9.34 -36.18
CA GLU C 128 35.53 10.76 -36.41
C GLU C 128 36.40 11.37 -35.31
N GLN C 129 36.20 10.96 -34.07
CA GLN C 129 36.99 11.43 -32.93
C GLN C 129 37.41 10.21 -32.12
N PRO C 130 38.48 9.54 -32.54
CA PRO C 130 38.87 8.28 -31.89
C PRO C 130 39.56 8.49 -30.55
N TYR C 131 39.54 7.42 -29.76
CA TYR C 131 40.32 7.40 -28.54
C TYR C 131 41.78 7.15 -28.89
N LYS C 132 42.66 7.36 -27.91
CA LYS C 132 44.09 7.16 -28.17
C LYS C 132 44.39 5.72 -28.55
N GLY C 133 45.05 5.55 -29.69
CA GLY C 133 45.47 4.22 -30.13
C GLY C 133 44.35 3.31 -30.58
N MET C 134 43.17 3.85 -30.87
CA MET C 134 42.04 3.01 -31.27
C MET C 134 42.24 2.47 -32.68
N VAL C 135 41.83 1.22 -32.89
CA VAL C 135 41.84 0.58 -34.21
C VAL C 135 40.50 -0.12 -34.42
N PHE C 136 40.05 -0.11 -35.68
CA PHE C 136 38.77 -0.68 -36.08
C PHE C 136 38.98 -1.89 -36.98
N PHE C 137 38.08 -2.86 -36.86
CA PHE C 137 38.13 -4.10 -37.61
C PHE C 137 36.94 -4.18 -38.56
N GLU C 138 37.21 -4.40 -39.85
CA GLU C 138 36.17 -4.49 -40.85
C GLU C 138 35.22 -5.65 -40.58
N MET D 1 10.85 4.80 -20.12
CA MET D 1 10.69 3.40 -20.51
C MET D 1 12.01 2.78 -20.91
N LEU D 2 12.46 1.79 -20.13
CA LEU D 2 13.68 1.07 -20.48
C LEU D 2 13.37 -0.06 -21.45
N SER D 3 14.24 -0.23 -22.44
CA SER D 3 14.00 -1.18 -23.52
C SER D 3 14.91 -2.40 -23.48
N GLY D 4 15.77 -2.52 -22.48
CA GLY D 4 16.63 -3.66 -22.34
C GLY D 4 18.03 -3.24 -21.96
N LEU D 5 18.94 -4.21 -22.00
CA LEU D 5 20.33 -3.96 -21.68
C LEU D 5 21.01 -3.29 -22.88
N ASN D 6 21.63 -2.14 -22.64
CA ASN D 6 22.33 -1.46 -23.72
C ASN D 6 23.71 -2.06 -23.92
N HIS D 7 24.52 -2.07 -22.88
CA HIS D 7 25.85 -2.66 -22.95
C HIS D 7 26.28 -3.12 -21.57
N LEU D 8 27.21 -4.07 -21.56
CA LEU D 8 27.80 -4.61 -20.35
C LEU D 8 29.28 -4.30 -20.35
N THR D 9 29.74 -3.58 -19.33
CA THR D 9 31.14 -3.20 -19.19
C THR D 9 31.75 -3.99 -18.05
N LEU D 10 32.83 -4.71 -18.34
CA LEU D 10 33.56 -5.49 -17.36
C LEU D 10 34.94 -4.89 -17.16
N ALA D 11 35.26 -4.54 -15.92
CA ALA D 11 36.60 -4.05 -15.61
C ALA D 11 37.60 -5.19 -15.70
N VAL D 12 38.68 -4.95 -16.45
CA VAL D 12 39.71 -5.97 -16.67
C VAL D 12 41.08 -5.39 -16.31
N SER D 13 41.94 -6.26 -15.78
CA SER D 13 43.29 -5.86 -15.40
C SER D 13 44.29 -6.03 -16.53
N GLN D 14 44.04 -6.95 -17.47
CA GLN D 14 44.90 -7.18 -18.60
C GLN D 14 44.03 -7.14 -19.86
N LEU D 15 44.20 -6.10 -20.67
CA LEU D 15 43.32 -5.92 -21.81
C LEU D 15 43.58 -6.97 -22.89
N ALA D 16 44.84 -7.16 -23.27
CA ALA D 16 45.16 -8.12 -24.33
C ALA D 16 44.71 -9.53 -23.99
N PRO D 17 45.03 -10.11 -22.83
CA PRO D 17 44.52 -11.47 -22.54
C PRO D 17 43.00 -11.54 -22.48
N SER D 18 42.35 -10.52 -21.92
CA SER D 18 40.89 -10.54 -21.81
C SER D 18 40.24 -10.48 -23.18
N VAL D 19 40.75 -9.62 -24.07
CA VAL D 19 40.20 -9.55 -25.43
C VAL D 19 40.36 -10.91 -26.11
N ALA D 20 41.50 -11.57 -25.90
CA ALA D 20 41.68 -12.90 -26.46
C ALA D 20 40.70 -13.89 -25.86
N PHE D 21 40.44 -13.79 -24.55
CA PHE D 21 39.52 -14.72 -23.90
C PHE D 21 38.13 -14.65 -24.53
N TYR D 22 37.62 -13.43 -24.71
CA TYR D 22 36.26 -13.29 -25.24
C TYR D 22 36.21 -13.44 -26.75
N GLN D 23 37.28 -13.08 -27.46
CA GLN D 23 37.30 -13.20 -28.92
C GLN D 23 37.73 -14.58 -29.38
N GLN D 24 38.84 -15.10 -28.83
CA GLN D 24 39.34 -16.41 -29.26
C GLN D 24 38.55 -17.54 -28.61
N LEU D 25 38.54 -17.58 -27.27
CA LEU D 25 37.94 -18.70 -26.57
C LEU D 25 36.43 -18.70 -26.71
N LEU D 26 35.80 -17.54 -26.50
CA LEU D 26 34.34 -17.45 -26.57
C LEU D 26 33.84 -17.09 -27.97
N GLY D 27 34.74 -16.81 -28.91
CA GLY D 27 34.34 -16.58 -30.29
C GLY D 27 33.59 -15.30 -30.56
N MET D 28 33.63 -14.33 -29.66
CA MET D 28 32.91 -13.08 -29.89
C MET D 28 33.60 -12.23 -30.96
N THR D 29 32.82 -11.34 -31.56
CA THR D 29 33.27 -10.51 -32.66
C THR D 29 33.90 -9.22 -32.11
N LEU D 30 35.18 -9.00 -32.44
CA LEU D 30 35.90 -7.82 -32.01
C LEU D 30 35.69 -6.70 -33.03
N HIS D 31 35.11 -5.59 -32.59
CA HIS D 31 34.77 -4.46 -33.46
C HIS D 31 35.79 -3.34 -33.40
N ALA D 32 36.31 -3.02 -32.22
CA ALA D 32 37.27 -1.94 -32.05
C ALA D 32 38.12 -2.23 -30.82
N ARG D 33 39.27 -1.56 -30.76
CA ARG D 33 40.22 -1.76 -29.67
C ARG D 33 41.07 -0.51 -29.50
N TRP D 34 41.17 -0.03 -28.27
CA TRP D 34 42.00 1.13 -27.94
C TRP D 34 42.80 0.83 -26.68
N ASP D 35 43.61 1.81 -26.26
CA ASP D 35 44.53 1.60 -25.15
C ASP D 35 43.83 1.37 -23.82
N SER D 36 42.53 1.65 -23.71
CA SER D 36 41.82 1.53 -22.46
C SER D 36 40.69 0.53 -22.49
N GLY D 37 40.47 -0.14 -23.61
CA GLY D 37 39.41 -1.12 -23.67
C GLY D 37 39.18 -1.62 -25.09
N ALA D 38 38.04 -2.30 -25.26
CA ALA D 38 37.68 -2.88 -26.54
C ALA D 38 36.17 -3.06 -26.60
N TYR D 39 35.62 -2.99 -27.81
CA TYR D 39 34.20 -3.19 -28.05
C TYR D 39 34.00 -4.53 -28.74
N LEU D 40 33.20 -5.40 -28.13
CA LEU D 40 32.84 -6.68 -28.71
C LEU D 40 31.33 -6.85 -28.68
N SER D 41 30.83 -7.73 -29.54
CA SER D 41 29.40 -8.00 -29.63
C SER D 41 29.16 -9.50 -29.59
N CYS D 42 28.05 -9.89 -28.95
CA CYS D 42 27.64 -11.29 -28.84
C CYS D 42 26.13 -11.27 -29.14
N GLY D 43 25.78 -11.45 -30.41
CA GLY D 43 24.40 -11.35 -30.83
C GLY D 43 23.88 -9.95 -30.65
N ASP D 44 22.84 -9.77 -29.82
CA ASP D 44 22.30 -8.46 -29.51
C ASP D 44 23.00 -7.80 -28.34
N LEU D 45 24.01 -8.45 -27.75
CA LEU D 45 24.71 -7.93 -26.58
C LEU D 45 25.87 -7.04 -27.00
N TRP D 46 25.96 -5.87 -26.37
CA TRP D 46 27.08 -4.95 -26.55
C TRP D 46 28.02 -5.13 -25.36
N LEU D 47 29.18 -5.72 -25.61
CA LEU D 47 30.17 -5.97 -24.55
C LEU D 47 31.27 -4.93 -24.63
N CYS D 48 31.63 -4.37 -23.48
CA CYS D 48 32.72 -3.41 -23.37
C CYS D 48 33.70 -3.90 -22.32
N LEU D 49 34.95 -4.11 -22.72
CA LEU D 49 36.02 -4.39 -21.80
C LEU D 49 36.69 -3.07 -21.45
N SER D 50 36.83 -2.78 -20.16
CA SER D 50 37.41 -1.52 -19.71
C SER D 50 38.63 -1.81 -18.84
N LEU D 51 39.77 -1.27 -19.23
CA LEU D 51 40.99 -1.42 -18.44
C LEU D 51 40.86 -0.60 -17.17
N ASP D 52 40.84 -1.27 -16.03
CA ASP D 52 40.68 -0.60 -14.73
C ASP D 52 41.81 -1.06 -13.83
N PRO D 53 42.70 -0.16 -13.40
CA PRO D 53 43.75 -0.56 -12.44
C PRO D 53 43.18 -1.00 -11.09
N GLN D 54 41.94 -0.61 -10.77
CA GLN D 54 41.30 -1.04 -9.54
C GLN D 54 40.87 -2.51 -9.59
N ARG D 55 41.00 -3.16 -10.75
CA ARG D 55 40.51 -4.52 -10.91
C ARG D 55 41.53 -5.51 -10.36
N ARG D 56 41.10 -6.32 -9.40
CA ARG D 56 41.91 -7.38 -8.85
C ARG D 56 41.33 -8.72 -9.26
N VAL D 57 42.20 -9.66 -9.63
CA VAL D 57 41.76 -11.01 -10.00
C VAL D 57 41.14 -11.65 -8.78
N THR D 58 39.83 -11.85 -8.81
CA THR D 58 39.09 -12.27 -7.63
C THR D 58 38.76 -13.75 -7.73
N PRO D 59 39.24 -14.57 -6.79
CA PRO D 59 38.81 -15.97 -6.78
C PRO D 59 37.33 -16.07 -6.53
N PRO D 60 36.69 -17.15 -6.99
CA PRO D 60 35.22 -17.21 -6.90
C PRO D 60 34.69 -17.16 -5.48
N GLU D 61 35.46 -17.61 -4.49
CA GLU D 61 35.01 -17.58 -3.11
C GLU D 61 35.07 -16.19 -2.50
N GLU D 62 35.77 -15.25 -3.13
CA GLU D 62 35.88 -13.88 -2.63
C GLU D 62 34.99 -12.91 -3.39
N SER D 63 34.10 -13.42 -4.24
CA SER D 63 33.15 -12.59 -4.97
C SER D 63 31.75 -13.13 -4.75
N ASP D 64 30.76 -12.27 -4.92
CA ASP D 64 29.37 -12.61 -4.67
C ASP D 64 28.80 -13.41 -5.84
N TYR D 65 27.49 -13.66 -5.80
CA TYR D 65 26.85 -14.50 -6.79
C TYR D 65 26.59 -13.78 -8.11
N THR D 66 26.85 -12.48 -8.18
CA THR D 66 26.62 -11.73 -9.41
C THR D 66 27.41 -12.36 -10.55
N HIS D 67 26.69 -12.75 -11.61
CA HIS D 67 27.31 -13.39 -12.76
C HIS D 67 26.52 -13.01 -14.00
N TYR D 68 27.12 -13.28 -15.16
CA TYR D 68 26.55 -12.92 -16.45
C TYR D 68 26.53 -14.16 -17.33
N ALA D 69 25.35 -14.51 -17.84
CA ALA D 69 25.14 -15.75 -18.59
C ALA D 69 24.83 -15.47 -20.05
N PHE D 70 25.43 -16.26 -20.94
CA PHE D 70 25.21 -16.13 -22.37
C PHE D 70 24.30 -17.23 -22.88
N SER D 71 23.46 -16.89 -23.87
CA SER D 71 22.58 -17.87 -24.48
C SER D 71 23.35 -18.72 -25.47
N ILE D 72 23.02 -20.01 -25.51
CA ILE D 72 23.63 -20.93 -26.47
C ILE D 72 22.60 -22.00 -26.79
N SER D 73 22.63 -22.47 -28.04
CA SER D 73 21.66 -23.47 -28.48
C SER D 73 21.95 -24.82 -27.84
N GLU D 74 20.90 -25.67 -27.80
CA GLU D 74 21.02 -27.00 -27.22
C GLU D 74 22.13 -27.81 -27.89
N ALA D 75 22.24 -27.71 -29.22
CA ALA D 75 23.24 -28.50 -29.93
C ALA D 75 24.66 -28.07 -29.58
N ASP D 76 24.87 -26.77 -29.41
CA ASP D 76 26.21 -26.23 -29.22
C ASP D 76 26.70 -26.30 -27.78
N PHE D 77 25.82 -26.62 -26.82
CA PHE D 77 26.22 -26.57 -25.41
C PHE D 77 27.39 -27.49 -25.11
N ALA D 78 27.24 -28.79 -25.37
CA ALA D 78 28.24 -29.78 -24.97
C ALA D 78 29.61 -29.45 -25.55
N SER D 79 29.68 -29.19 -26.86
CA SER D 79 30.97 -28.94 -27.50
C SER D 79 31.61 -27.65 -26.99
N PHE D 80 30.81 -26.61 -26.73
CA PHE D 80 31.39 -25.35 -26.26
C PHE D 80 31.86 -25.47 -24.82
N ALA D 81 31.08 -26.13 -23.96
CA ALA D 81 31.53 -26.37 -22.59
C ALA D 81 32.77 -27.24 -22.55
N ALA D 82 32.89 -28.20 -23.47
CA ALA D 82 34.10 -29.01 -23.55
C ALA D 82 35.28 -28.18 -24.04
N ARG D 83 35.05 -27.27 -24.97
CA ARG D 83 36.11 -26.39 -25.44
C ARG D 83 36.70 -25.58 -24.30
N LEU D 84 35.84 -25.03 -23.44
CA LEU D 84 36.32 -24.26 -22.30
C LEU D 84 37.07 -25.15 -21.32
N GLU D 85 36.55 -26.37 -21.08
CA GLU D 85 37.24 -27.31 -20.21
C GLU D 85 38.59 -27.71 -20.78
N ALA D 86 38.67 -27.87 -22.10
CA ALA D 86 39.94 -28.25 -22.73
C ALA D 86 40.99 -27.15 -22.60
N ALA D 87 40.57 -25.88 -22.59
CA ALA D 87 41.49 -24.78 -22.44
C ALA D 87 41.84 -24.47 -20.99
N GLY D 88 41.29 -25.21 -20.04
CA GLY D 88 41.61 -25.00 -18.64
C GLY D 88 40.80 -23.94 -17.95
N VAL D 89 39.68 -23.50 -18.52
CA VAL D 89 38.86 -22.48 -17.88
C VAL D 89 38.23 -23.07 -16.63
N ALA D 90 38.32 -22.33 -15.52
CA ALA D 90 37.86 -22.83 -14.24
C ALA D 90 36.34 -22.73 -14.11
N VAL D 91 35.76 -23.66 -13.35
CA VAL D 91 34.33 -23.70 -13.07
C VAL D 91 34.12 -23.28 -11.62
N TRP D 92 33.09 -22.47 -11.37
CA TRP D 92 32.82 -21.94 -10.05
C TRP D 92 31.51 -22.43 -9.45
N LYS D 93 30.73 -23.23 -10.17
CA LYS D 93 29.47 -23.74 -9.64
C LYS D 93 29.00 -24.91 -10.50
N LEU D 94 28.40 -25.91 -9.86
CA LEU D 94 27.87 -27.07 -10.56
C LEU D 94 26.40 -26.86 -10.87
N ASN D 95 25.97 -27.36 -12.02
CA ASN D 95 24.60 -27.14 -12.48
C ASN D 95 23.62 -28.03 -11.71
N ARG D 96 22.58 -27.41 -11.17
CA ARG D 96 21.52 -28.13 -10.47
C ARG D 96 20.13 -27.70 -10.88
N SER D 97 19.97 -26.56 -11.56
CA SER D 97 18.67 -26.03 -11.94
C SER D 97 18.31 -26.49 -13.35
N GLU D 98 17.13 -26.08 -13.81
CA GLU D 98 16.67 -26.48 -15.13
C GLU D 98 17.55 -25.88 -16.23
N GLY D 99 17.65 -26.62 -17.32
CA GLY D 99 18.47 -26.20 -18.44
C GLY D 99 19.95 -26.48 -18.23
N ALA D 100 20.65 -26.59 -19.35
CA ALA D 100 22.09 -26.84 -19.31
C ALA D 100 22.82 -25.57 -18.91
N SER D 101 23.73 -25.69 -17.94
CA SER D 101 24.46 -24.53 -17.45
C SER D 101 25.90 -24.90 -17.13
N HIS D 102 26.83 -24.11 -17.64
CA HIS D 102 28.26 -24.26 -17.36
C HIS D 102 28.78 -22.94 -16.84
N TYR D 103 29.19 -22.93 -15.58
CA TYR D 103 29.65 -21.72 -14.90
C TYR D 103 31.17 -21.67 -14.95
N PHE D 104 31.71 -20.63 -15.57
CA PHE D 104 33.17 -20.54 -15.71
C PHE D 104 33.64 -19.12 -15.38
N LEU D 105 34.95 -18.99 -15.23
CA LEU D 105 35.59 -17.73 -14.84
C LEU D 105 36.45 -17.21 -15.98
N ASP D 106 36.49 -15.88 -16.11
CA ASP D 106 37.30 -15.20 -17.11
C ASP D 106 38.67 -14.90 -16.50
N PRO D 107 39.65 -14.36 -17.27
CA PRO D 107 40.98 -14.15 -16.69
C PRO D 107 41.01 -13.33 -15.40
N ASP D 108 40.07 -12.41 -15.22
CA ASP D 108 40.06 -11.55 -14.05
C ASP D 108 39.11 -12.05 -12.96
N GLY D 109 38.45 -13.18 -13.16
CA GLY D 109 37.56 -13.73 -12.17
C GLY D 109 36.09 -13.39 -12.34
N HIS D 110 35.71 -12.66 -13.40
CA HIS D 110 34.31 -12.40 -13.65
C HIS D 110 33.56 -13.71 -13.85
N LYS D 111 32.50 -13.91 -13.08
CA LYS D 111 31.73 -15.14 -13.14
C LYS D 111 30.83 -15.13 -14.37
N LEU D 112 31.07 -16.06 -15.29
CA LEU D 112 30.31 -16.20 -16.51
C LEU D 112 29.52 -17.51 -16.48
N GLU D 113 28.60 -17.65 -17.42
CA GLU D 113 27.72 -18.80 -17.47
C GLU D 113 27.24 -19.01 -18.90
N LEU D 114 27.18 -20.28 -19.31
CA LEU D 114 26.49 -20.68 -20.53
C LEU D 114 25.17 -21.32 -20.11
N HIS D 115 24.05 -20.78 -20.61
CA HIS D 115 22.74 -21.30 -20.24
C HIS D 115 21.92 -21.57 -21.49
N VAL D 116 21.28 -22.73 -21.53
CA VAL D 116 20.35 -23.10 -22.59
C VAL D 116 18.95 -23.00 -22.02
N GLY D 117 18.18 -22.02 -22.49
CA GLY D 117 16.81 -21.82 -22.05
C GLY D 117 16.48 -20.35 -21.91
N SER D 118 15.19 -20.06 -22.00
CA SER D 118 14.68 -18.69 -21.91
C SER D 118 13.93 -18.49 -20.61
N LEU D 119 13.52 -17.24 -20.36
CA LEU D 119 12.73 -16.93 -19.18
C LEU D 119 11.39 -17.63 -19.23
N ALA D 120 10.78 -17.71 -20.42
CA ALA D 120 9.50 -18.39 -20.56
C ALA D 120 9.60 -19.87 -20.21
N GLN D 121 10.69 -20.52 -20.65
CA GLN D 121 10.88 -21.94 -20.34
C GLN D 121 11.19 -22.15 -18.87
N ARG D 122 11.98 -21.26 -18.27
CA ARG D 122 12.26 -21.37 -16.83
C ARG D 122 11.00 -21.20 -16.01
N LEU D 123 10.15 -20.23 -16.35
CA LEU D 123 8.90 -20.02 -15.63
C LEU D 123 8.01 -21.26 -15.73
N ALA D 124 7.88 -21.82 -16.93
CA ALA D 124 7.08 -23.02 -17.11
C ALA D 124 7.58 -24.16 -16.23
N ALA D 125 8.91 -24.30 -16.11
CA ALA D 125 9.47 -25.31 -15.23
C ALA D 125 9.17 -25.00 -13.77
N CYS D 126 9.21 -23.71 -13.40
CA CYS D 126 8.93 -23.33 -12.02
C CYS D 126 7.46 -23.43 -11.69
N ARG D 127 6.57 -23.49 -12.69
CA ARG D 127 5.15 -23.66 -12.38
C ARG D 127 4.83 -25.09 -11.98
N GLU D 128 5.57 -26.07 -12.52
CA GLU D 128 5.34 -27.46 -12.16
C GLU D 128 6.05 -27.82 -10.85
N GLN D 129 7.26 -27.30 -10.63
CA GLN D 129 8.02 -27.54 -9.42
C GLN D 129 8.59 -26.22 -8.94
N PRO D 130 7.82 -25.45 -8.18
CA PRO D 130 8.26 -24.11 -7.77
C PRO D 130 9.29 -24.13 -6.66
N TYR D 131 10.00 -23.02 -6.56
CA TYR D 131 10.94 -22.81 -5.46
C TYR D 131 10.17 -22.46 -4.19
N LYS D 132 10.89 -22.46 -3.07
CA LYS D 132 10.27 -22.17 -1.78
C LYS D 132 9.68 -20.77 -1.76
N GLY D 133 8.39 -20.67 -1.44
CA GLY D 133 7.74 -19.38 -1.34
C GLY D 133 7.56 -18.64 -2.64
N MET D 134 7.70 -19.32 -3.78
CA MET D 134 7.61 -18.65 -5.06
C MET D 134 6.17 -18.25 -5.38
N VAL D 135 6.02 -17.09 -6.01
CA VAL D 135 4.74 -16.58 -6.48
C VAL D 135 4.91 -16.11 -7.92
N PHE D 136 3.87 -16.29 -8.74
CA PHE D 136 3.90 -15.94 -10.15
C PHE D 136 2.95 -14.79 -10.42
N PHE D 137 3.36 -13.91 -11.32
CA PHE D 137 2.54 -12.75 -11.68
C PHE D 137 2.12 -12.78 -13.14
N MET E 1 -30.84 -11.21 35.11
CA MET E 1 -29.46 -10.95 34.73
C MET E 1 -28.87 -12.14 33.97
N LEU E 2 -28.68 -11.98 32.66
CA LEU E 2 -28.07 -13.02 31.85
C LEU E 2 -26.56 -13.01 32.04
N SER E 3 -25.97 -14.21 32.07
CA SER E 3 -24.55 -14.37 32.36
C SER E 3 -23.73 -14.72 31.13
N GLY E 4 -24.33 -14.89 29.97
CA GLY E 4 -23.61 -15.19 28.77
C GLY E 4 -24.36 -16.18 27.91
N LEU E 5 -23.68 -16.69 26.90
CA LEU E 5 -24.24 -17.69 26.01
C LEU E 5 -24.15 -19.06 26.70
N ASN E 6 -25.30 -19.72 26.87
CA ASN E 6 -25.29 -21.05 27.48
C ASN E 6 -24.78 -22.10 26.50
N HIS E 7 -25.48 -22.27 25.39
CA HIS E 7 -25.05 -23.22 24.38
C HIS E 7 -25.44 -22.71 22.99
N LEU E 8 -24.80 -23.27 21.98
CA LEU E 8 -25.04 -22.96 20.59
C LEU E 8 -25.51 -24.23 19.89
N THR E 9 -26.78 -24.28 19.51
CA THR E 9 -27.35 -25.45 18.87
C THR E 9 -27.37 -25.25 17.36
N LEU E 10 -26.91 -26.26 16.63
CA LEU E 10 -26.86 -26.22 15.18
C LEU E 10 -27.66 -27.40 14.62
N ALA E 11 -28.63 -27.10 13.76
CA ALA E 11 -29.42 -28.13 13.11
C ALA E 11 -28.63 -28.67 11.92
N VAL E 12 -28.41 -29.99 11.91
CA VAL E 12 -27.67 -30.64 10.83
C VAL E 12 -28.57 -31.69 10.18
N SER E 13 -28.27 -31.99 8.92
CA SER E 13 -29.03 -32.98 8.15
C SER E 13 -28.37 -34.34 8.12
N GLN E 14 -27.05 -34.41 8.29
CA GLN E 14 -26.31 -35.66 8.33
C GLN E 14 -25.50 -35.67 9.62
N LEU E 15 -25.90 -36.51 10.58
CA LEU E 15 -25.26 -36.50 11.89
C LEU E 15 -23.81 -36.97 11.80
N ALA E 16 -23.58 -38.11 11.15
CA ALA E 16 -22.21 -38.64 11.09
C ALA E 16 -21.24 -37.71 10.39
N PRO E 17 -21.54 -37.13 9.22
CA PRO E 17 -20.58 -36.16 8.65
C PRO E 17 -20.34 -34.94 9.52
N SER E 18 -21.41 -34.35 10.07
CA SER E 18 -21.26 -33.15 10.88
C SER E 18 -20.42 -33.41 12.13
N VAL E 19 -20.68 -34.54 12.81
CA VAL E 19 -19.88 -34.89 13.99
C VAL E 19 -18.41 -35.00 13.63
N ALA E 20 -18.11 -35.52 12.44
CA ALA E 20 -16.72 -35.59 11.98
C ALA E 20 -16.16 -34.20 11.73
N PHE E 21 -16.98 -33.29 11.18
CA PHE E 21 -16.52 -31.94 10.90
C PHE E 21 -16.03 -31.23 12.15
N TYR E 22 -16.89 -31.15 13.17
CA TYR E 22 -16.54 -30.37 14.36
C TYR E 22 -15.51 -31.08 15.23
N GLN E 23 -15.57 -32.41 15.30
CA GLN E 23 -14.66 -33.14 16.20
C GLN E 23 -13.29 -33.35 15.57
N GLN E 24 -13.25 -33.79 14.30
CA GLN E 24 -11.98 -34.15 13.69
C GLN E 24 -11.24 -32.92 13.17
N LEU E 25 -11.83 -32.24 12.18
CA LEU E 25 -11.15 -31.09 11.55
C LEU E 25 -10.96 -29.95 12.54
N LEU E 26 -12.02 -29.58 13.25
CA LEU E 26 -11.96 -28.44 14.16
C LEU E 26 -11.36 -28.81 15.52
N GLY E 27 -10.97 -30.06 15.73
CA GLY E 27 -10.33 -30.46 16.97
C GLY E 27 -11.16 -30.21 18.21
N MET E 28 -12.49 -30.26 18.08
CA MET E 28 -13.36 -30.04 19.23
C MET E 28 -13.54 -31.33 20.02
N THR E 29 -13.73 -31.19 21.32
CA THR E 29 -13.89 -32.34 22.21
C THR E 29 -15.30 -32.90 22.08
N LEU E 30 -15.41 -34.18 21.71
CA LEU E 30 -16.68 -34.86 21.65
C LEU E 30 -17.00 -35.43 23.04
N HIS E 31 -18.19 -35.14 23.53
CA HIS E 31 -18.62 -35.54 24.86
C HIS E 31 -19.76 -36.55 24.87
N ALA E 32 -20.72 -36.41 23.96
CA ALA E 32 -21.84 -37.34 23.91
C ALA E 32 -22.36 -37.41 22.48
N ARG E 33 -23.05 -38.51 22.18
CA ARG E 33 -23.59 -38.74 20.85
C ARG E 33 -24.78 -39.69 20.95
N TRP E 34 -25.93 -39.26 20.45
CA TRP E 34 -27.12 -40.10 20.42
C TRP E 34 -27.76 -40.03 19.04
N ASP E 35 -28.88 -40.73 18.88
CA ASP E 35 -29.51 -40.88 17.57
C ASP E 35 -30.10 -39.57 17.04
N SER E 36 -30.13 -38.51 17.83
CA SER E 36 -30.70 -37.25 17.38
C SER E 36 -29.74 -36.07 17.49
N GLY E 37 -28.49 -36.30 17.89
CA GLY E 37 -27.54 -35.21 17.96
C GLY E 37 -26.30 -35.61 18.73
N ALA E 38 -25.53 -34.59 19.12
CA ALA E 38 -24.27 -34.81 19.81
C ALA E 38 -23.89 -33.54 20.57
N TYR E 39 -23.22 -33.73 21.70
CA TYR E 39 -22.69 -32.64 22.51
C TYR E 39 -21.19 -32.52 22.28
N LEU E 40 -20.74 -31.33 21.89
CA LEU E 40 -19.32 -31.03 21.77
C LEU E 40 -18.98 -29.80 22.61
N SER E 41 -17.70 -29.64 22.89
CA SER E 41 -17.22 -28.52 23.69
C SER E 41 -16.03 -27.88 23.00
N CYS E 42 -15.93 -26.55 23.15
CA CYS E 42 -14.81 -25.76 22.63
C CYS E 42 -14.53 -24.70 23.69
N GLY E 43 -13.60 -25.01 24.59
CA GLY E 43 -13.31 -24.10 25.68
C GLY E 43 -14.52 -23.93 26.57
N ASP E 44 -15.05 -22.71 26.61
CA ASP E 44 -16.28 -22.42 27.35
C ASP E 44 -17.53 -22.66 26.52
N LEU E 45 -17.39 -22.93 25.23
CA LEU E 45 -18.55 -23.02 24.34
C LEU E 45 -19.19 -24.40 24.43
N TRP E 46 -20.50 -24.42 24.68
CA TRP E 46 -21.29 -25.63 24.64
C TRP E 46 -21.96 -25.71 23.27
N LEU E 47 -21.51 -26.63 22.44
CA LEU E 47 -22.06 -26.82 21.10
C LEU E 47 -22.92 -28.08 21.09
N CYS E 48 -24.19 -27.93 20.71
CA CYS E 48 -25.12 -29.05 20.62
C CYS E 48 -25.56 -29.18 19.16
N LEU E 49 -25.16 -30.27 18.52
CA LEU E 49 -25.64 -30.59 17.19
C LEU E 49 -26.96 -31.35 17.33
N SER E 50 -27.95 -30.97 16.52
CA SER E 50 -29.26 -31.61 16.56
C SER E 50 -29.67 -31.96 15.14
N LEU E 51 -29.92 -33.24 14.89
CA LEU E 51 -30.31 -33.71 13.57
C LEU E 51 -31.75 -33.25 13.27
N ASP E 52 -31.91 -32.36 12.29
CA ASP E 52 -33.22 -31.82 11.93
C ASP E 52 -33.51 -32.15 10.47
N PRO E 53 -34.63 -32.80 10.16
CA PRO E 53 -35.00 -32.98 8.75
C PRO E 53 -35.31 -31.69 8.03
N GLN E 54 -35.64 -30.61 8.75
CA GLN E 54 -35.91 -29.31 8.14
C GLN E 54 -34.63 -28.60 7.70
N ARG E 55 -33.46 -29.20 7.91
CA ARG E 55 -32.19 -28.55 7.60
C ARG E 55 -31.79 -28.90 6.17
N ARG E 56 -31.88 -27.93 5.27
CA ARG E 56 -31.45 -28.08 3.89
C ARG E 56 -30.06 -27.49 3.73
N VAL E 57 -29.23 -28.15 2.92
CA VAL E 57 -27.90 -27.64 2.60
C VAL E 57 -28.06 -26.32 1.87
N THR E 58 -27.64 -25.23 2.52
CA THR E 58 -27.87 -23.89 2.01
C THR E 58 -26.57 -23.32 1.47
N PRO E 59 -26.49 -23.01 0.17
CA PRO E 59 -25.30 -22.35 -0.35
C PRO E 59 -25.18 -20.97 0.26
N PRO E 60 -23.95 -20.42 0.33
CA PRO E 60 -23.75 -19.16 1.05
C PRO E 60 -24.54 -17.99 0.49
N GLU E 61 -24.95 -18.06 -0.79
CA GLU E 61 -25.76 -17.01 -1.38
C GLU E 61 -27.22 -17.07 -0.94
N GLU E 62 -27.66 -18.16 -0.33
CA GLU E 62 -29.05 -18.31 0.09
C GLU E 62 -29.24 -18.12 1.59
N SER E 63 -28.20 -17.78 2.34
CA SER E 63 -28.31 -17.52 3.76
C SER E 63 -27.79 -16.12 4.06
N ASP E 64 -28.38 -15.49 5.08
CA ASP E 64 -28.06 -14.12 5.43
C ASP E 64 -26.68 -14.06 6.10
N TYR E 65 -26.35 -12.90 6.67
CA TYR E 65 -25.03 -12.65 7.20
C TYR E 65 -24.78 -13.32 8.55
N THR E 66 -25.80 -13.92 9.15
CA THR E 66 -25.65 -14.56 10.45
C THR E 66 -24.58 -15.64 10.38
N HIS E 67 -23.52 -15.47 11.17
CA HIS E 67 -22.41 -16.41 11.20
C HIS E 67 -21.91 -16.55 12.63
N TYR E 68 -21.14 -17.61 12.86
CA TYR E 68 -20.60 -17.94 14.18
C TYR E 68 -19.09 -18.04 14.08
N ALA E 69 -18.39 -17.39 15.00
CA ALA E 69 -16.94 -17.28 14.93
C ALA E 69 -16.27 -17.89 16.15
N PHE E 70 -15.14 -18.56 15.93
CA PHE E 70 -14.34 -19.13 17.01
C PHE E 70 -13.03 -18.39 17.16
N SER E 71 -12.55 -18.31 18.40
CA SER E 71 -11.27 -17.68 18.68
C SER E 71 -10.13 -18.65 18.38
N ILE E 72 -8.99 -18.08 17.97
CA ILE E 72 -7.80 -18.86 17.66
C ILE E 72 -6.59 -17.96 17.81
N SER E 73 -5.51 -18.53 18.32
CA SER E 73 -4.25 -17.78 18.51
C SER E 73 -3.65 -17.37 17.17
N TRP E 92 -16.70 -18.29 2.02
CA TRP E 92 -17.90 -17.57 1.62
C TRP E 92 -17.73 -16.06 1.76
N LYS E 93 -16.53 -15.63 2.12
CA LYS E 93 -16.21 -14.22 2.31
C LYS E 93 -14.70 -14.08 2.42
N LEU E 94 -14.19 -12.92 1.98
CA LEU E 94 -12.77 -12.62 2.04
C LEU E 94 -12.45 -11.74 3.24
N ASN E 95 -11.21 -11.85 3.72
CA ASN E 95 -10.75 -11.10 4.88
C ASN E 95 -10.88 -9.59 4.63
N ARG E 96 -11.15 -8.86 5.71
CA ARG E 96 -11.38 -7.42 5.58
C ARG E 96 -10.82 -6.65 6.78
N SER E 97 -11.60 -6.56 7.85
CA SER E 97 -11.29 -5.65 8.96
C SER E 97 -10.09 -6.17 9.75
N GLU E 98 -9.86 -5.55 10.91
CA GLU E 98 -8.73 -5.90 11.75
C GLU E 98 -8.85 -7.32 12.27
N GLY E 99 -7.72 -7.86 12.74
CA GLY E 99 -7.67 -9.22 13.20
C GLY E 99 -7.79 -10.24 12.09
N ALA E 100 -7.16 -11.39 12.26
CA ALA E 100 -7.30 -12.46 11.27
C ALA E 100 -8.71 -13.01 11.31
N SER E 101 -9.29 -13.24 10.14
CA SER E 101 -10.64 -13.80 10.05
C SER E 101 -10.71 -14.69 8.83
N HIS E 102 -11.15 -15.94 9.04
CA HIS E 102 -11.31 -16.90 7.96
C HIS E 102 -12.76 -17.37 7.96
N TYR E 103 -13.52 -16.97 6.94
CA TYR E 103 -14.94 -17.26 6.84
C TYR E 103 -15.16 -18.49 5.97
N PHE E 104 -15.67 -19.57 6.56
CA PHE E 104 -15.88 -20.82 5.85
C PHE E 104 -17.24 -21.40 6.22
N LEU E 105 -17.66 -22.40 5.46
CA LEU E 105 -18.94 -23.05 5.66
C LEU E 105 -18.76 -24.43 6.26
N ASP E 106 -19.85 -24.94 6.85
CA ASP E 106 -19.88 -26.25 7.48
C ASP E 106 -20.54 -27.22 6.49
N PRO E 107 -20.72 -28.51 6.81
CA PRO E 107 -21.38 -29.39 5.83
C PRO E 107 -22.78 -28.95 5.43
N ASP E 108 -23.53 -28.33 6.34
CA ASP E 108 -24.92 -27.97 6.07
C ASP E 108 -25.09 -26.53 5.62
N GLY E 109 -24.01 -25.76 5.52
CA GLY E 109 -24.08 -24.39 5.04
C GLY E 109 -24.00 -23.32 6.10
N HIS E 110 -23.87 -23.70 7.38
CA HIS E 110 -23.70 -22.72 8.44
C HIS E 110 -22.42 -21.92 8.19
N LYS E 111 -22.54 -20.60 8.23
CA LYS E 111 -21.38 -19.74 8.03
C LYS E 111 -20.56 -19.68 9.31
N LEU E 112 -19.34 -20.20 9.27
CA LEU E 112 -18.42 -20.21 10.40
C LEU E 112 -17.24 -19.28 10.14
N GLU E 113 -16.51 -18.96 11.20
CA GLU E 113 -15.42 -18.00 11.11
C GLU E 113 -14.37 -18.31 12.17
N LEU E 114 -13.10 -18.14 11.80
CA LEU E 114 -11.98 -18.20 12.73
C LEU E 114 -11.42 -16.80 12.86
N HIS E 115 -11.63 -16.16 14.00
CA HIS E 115 -11.23 -14.77 14.20
C HIS E 115 -10.22 -14.65 15.32
N VAL E 116 -9.20 -13.82 15.09
CA VAL E 116 -8.17 -13.51 16.09
C VAL E 116 -8.44 -12.11 16.60
N GLY E 117 -8.76 -11.99 17.87
CA GLY E 117 -9.06 -10.73 18.51
C GLY E 117 -10.30 -10.83 19.38
N SER E 118 -10.39 -9.92 20.34
CA SER E 118 -11.51 -9.86 21.26
C SER E 118 -12.35 -8.62 20.96
N LEU E 119 -13.42 -8.45 21.72
CA LEU E 119 -14.22 -7.24 21.60
C LEU E 119 -13.45 -6.02 22.08
N ALA E 120 -12.63 -6.18 23.12
CA ALA E 120 -11.85 -5.05 23.63
C ALA E 120 -10.83 -4.58 22.61
N GLN E 121 -10.23 -5.51 21.86
CA GLN E 121 -9.26 -5.12 20.84
C GLN E 121 -9.93 -4.47 19.65
N ARG E 122 -11.06 -5.02 19.19
CA ARG E 122 -11.79 -4.42 18.08
C ARG E 122 -12.30 -3.04 18.45
N LEU E 123 -12.75 -2.86 19.69
CA LEU E 123 -13.17 -1.53 20.15
C LEU E 123 -12.00 -0.56 20.15
N ALA E 124 -10.81 -1.04 20.49
CA ALA E 124 -9.63 -0.19 20.45
C ALA E 124 -9.25 0.16 19.02
N ALA E 125 -9.40 -0.79 18.09
CA ALA E 125 -9.04 -0.54 16.70
C ALA E 125 -9.98 0.47 16.06
N CYS E 126 -11.27 0.38 16.34
CA CYS E 126 -12.25 1.28 15.73
C CYS E 126 -12.21 2.69 16.31
N ARG E 127 -11.43 2.94 17.36
CA ARG E 127 -11.30 4.32 17.83
C ARG E 127 -10.37 5.12 16.93
N GLU E 128 -9.47 4.46 16.21
CA GLU E 128 -8.54 5.12 15.30
C GLU E 128 -9.12 5.23 13.88
N GLN E 129 -9.62 4.11 13.33
CA GLN E 129 -10.28 4.09 12.03
C GLN E 129 -11.71 3.60 12.24
N PRO E 130 -12.63 4.48 12.64
CA PRO E 130 -13.99 4.04 12.96
C PRO E 130 -14.78 3.67 11.72
N TYR E 131 -15.87 2.95 11.95
CA TYR E 131 -16.81 2.66 10.89
C TYR E 131 -17.74 3.87 10.69
N LYS E 132 -18.42 3.88 9.54
CA LYS E 132 -19.24 5.03 9.18
C LYS E 132 -20.34 5.26 10.22
N GLY E 133 -20.39 6.49 10.74
CA GLY E 133 -21.39 6.87 11.71
C GLY E 133 -21.34 6.11 13.01
N MET E 134 -20.21 5.48 13.32
CA MET E 134 -20.07 4.76 14.57
C MET E 134 -20.02 5.71 15.76
N VAL E 135 -20.66 5.30 16.87
CA VAL E 135 -20.57 6.01 18.13
C VAL E 135 -20.26 4.99 19.23
N PHE E 136 -19.47 5.40 20.20
CA PHE E 136 -19.05 4.54 21.30
C PHE E 136 -19.76 4.93 22.59
N PHE E 137 -19.77 4.01 23.54
CA PHE E 137 -20.44 4.22 24.81
C PHE E 137 -19.55 3.84 25.98
N MET F 1 -5.43 -25.17 17.57
CA MET F 1 -6.27 -25.36 18.74
C MET F 1 -7.23 -24.19 18.92
N LEU F 2 -8.53 -24.47 18.82
CA LEU F 2 -9.54 -23.45 19.05
C LEU F 2 -9.82 -23.29 20.53
N SER F 3 -10.02 -22.04 20.96
CA SER F 3 -10.15 -21.71 22.38
C SER F 3 -11.57 -21.35 22.79
N GLY F 4 -12.53 -21.41 21.89
CA GLY F 4 -13.92 -21.15 22.22
C GLY F 4 -14.58 -20.28 21.18
N LEU F 5 -15.79 -19.83 21.51
CA LEU F 5 -16.55 -18.95 20.63
C LEU F 5 -16.02 -17.54 20.73
N ASN F 6 -15.69 -16.94 19.58
CA ASN F 6 -15.19 -15.58 19.57
C ASN F 6 -16.33 -14.56 19.62
N HIS F 7 -17.23 -14.62 18.64
CA HIS F 7 -18.37 -13.72 18.61
C HIS F 7 -19.51 -14.34 17.84
N LEU F 8 -20.72 -13.84 18.12
CA LEU F 8 -21.95 -14.27 17.45
C LEU F 8 -22.53 -13.07 16.72
N THR F 9 -22.68 -13.19 15.39
CA THR F 9 -23.22 -12.13 14.56
C THR F 9 -24.61 -12.56 14.06
N LEU F 10 -25.61 -11.72 14.32
CA LEU F 10 -26.98 -11.96 13.91
C LEU F 10 -27.39 -10.92 12.87
N ALA F 11 -27.82 -11.40 11.70
CA ALA F 11 -28.33 -10.51 10.67
C ALA F 11 -29.72 -9.99 11.08
N VAL F 12 -29.88 -8.67 11.06
CA VAL F 12 -31.13 -8.03 11.46
C VAL F 12 -31.59 -7.09 10.36
N SER F 13 -32.92 -6.95 10.24
CA SER F 13 -33.51 -6.10 9.21
C SER F 13 -33.70 -4.66 9.68
N GLN F 14 -33.85 -4.43 10.97
CA GLN F 14 -34.04 -3.09 11.53
C GLN F 14 -33.05 -2.91 12.67
N LEU F 15 -32.09 -2.01 12.49
CA LEU F 15 -31.00 -1.86 13.45
C LEU F 15 -31.51 -1.33 14.78
N ALA F 16 -32.27 -0.23 14.75
CA ALA F 16 -32.76 0.36 16.00
C ALA F 16 -33.60 -0.60 16.83
N PRO F 17 -34.62 -1.28 16.28
CA PRO F 17 -35.37 -2.24 17.12
C PRO F 17 -34.51 -3.37 17.67
N SER F 18 -33.59 -3.90 16.88
CA SER F 18 -32.77 -5.01 17.35
C SER F 18 -31.86 -4.57 18.49
N VAL F 19 -31.25 -3.40 18.38
CA VAL F 19 -30.40 -2.90 19.46
C VAL F 19 -31.21 -2.73 20.73
N ALA F 20 -32.44 -2.23 20.61
CA ALA F 20 -33.31 -2.10 21.77
C ALA F 20 -33.69 -3.47 22.35
N PHE F 21 -33.95 -4.44 21.48
CA PHE F 21 -34.39 -5.76 21.94
C PHE F 21 -33.35 -6.39 22.87
N TYR F 22 -32.08 -6.38 22.47
CA TYR F 22 -31.05 -7.05 23.26
C TYR F 22 -30.58 -6.23 24.44
N GLN F 23 -30.60 -4.90 24.34
CA GLN F 23 -30.13 -4.05 25.43
C GLN F 23 -31.22 -3.77 26.46
N GLN F 24 -32.43 -3.42 26.02
CA GLN F 24 -33.49 -3.06 26.96
C GLN F 24 -34.07 -4.29 27.63
N LEU F 25 -34.61 -5.22 26.84
CA LEU F 25 -35.30 -6.39 27.41
C LEU F 25 -34.29 -7.36 28.04
N LEU F 26 -33.22 -7.68 27.32
CA LEU F 26 -32.27 -8.68 27.76
C LEU F 26 -31.16 -8.11 28.63
N GLY F 27 -31.12 -6.79 28.81
CA GLY F 27 -30.16 -6.19 29.72
C GLY F 27 -28.73 -6.26 29.26
N MET F 28 -28.49 -6.52 27.97
CA MET F 28 -27.13 -6.59 27.48
C MET F 28 -26.51 -5.19 27.42
N THR F 29 -25.18 -5.16 27.46
CA THR F 29 -24.43 -3.91 27.46
C THR F 29 -24.15 -3.48 26.03
N LEU F 30 -24.61 -2.29 25.66
CA LEU F 30 -24.38 -1.74 24.33
C LEU F 30 -23.04 -1.02 24.33
N HIS F 31 -22.10 -1.49 23.50
CA HIS F 31 -20.75 -0.96 23.48
C HIS F 31 -20.51 0.01 22.32
N ALA F 32 -21.03 -0.29 21.14
CA ALA F 32 -20.85 0.57 19.99
C ALA F 32 -21.98 0.34 19.00
N ARG F 33 -22.17 1.31 18.11
CA ARG F 33 -23.23 1.24 17.11
C ARG F 33 -22.84 2.10 15.92
N TRP F 34 -22.94 1.56 14.72
CA TRP F 34 -22.64 2.28 13.49
C TRP F 34 -23.75 2.03 12.49
N ASP F 35 -23.60 2.61 11.29
CA ASP F 35 -24.67 2.57 10.29
C ASP F 35 -24.97 1.16 9.80
N SER F 36 -24.12 0.19 10.08
CA SER F 36 -24.32 -1.17 9.59
C SER F 36 -24.47 -2.20 10.70
N GLY F 37 -24.43 -1.79 11.96
CA GLY F 37 -24.57 -2.75 13.03
C GLY F 37 -24.31 -2.14 14.39
N ALA F 38 -24.14 -3.02 15.37
CA ALA F 38 -23.91 -2.63 16.76
C ALA F 38 -23.21 -3.76 17.48
N TYR F 39 -22.42 -3.40 18.48
CA TYR F 39 -21.69 -4.34 19.32
C TYR F 39 -22.34 -4.41 20.69
N LEU F 40 -22.74 -5.60 21.11
CA LEU F 40 -23.24 -5.81 22.46
C LEU F 40 -22.51 -6.99 23.09
N SER F 41 -22.53 -7.02 24.42
CA SER F 41 -21.88 -8.09 25.16
C SER F 41 -22.83 -8.63 26.23
N CYS F 42 -22.73 -9.93 26.46
CA CYS F 42 -23.52 -10.62 27.48
C CYS F 42 -22.53 -11.52 28.21
N GLY F 43 -21.92 -11.00 29.27
CA GLY F 43 -20.89 -11.74 29.98
C GLY F 43 -19.67 -11.97 29.11
N ASP F 44 -19.37 -13.24 28.83
CA ASP F 44 -18.26 -13.61 27.97
C ASP F 44 -18.65 -13.62 26.50
N LEU F 45 -19.91 -13.31 26.19
CA LEU F 45 -20.40 -13.38 24.82
C LEU F 45 -20.15 -12.05 24.10
N TRP F 46 -19.58 -12.14 22.90
CA TRP F 46 -19.42 -10.99 22.02
C TRP F 46 -20.52 -11.09 20.97
N LEU F 47 -21.55 -10.24 21.09
CA LEU F 47 -22.67 -10.25 20.17
C LEU F 47 -22.57 -9.08 19.21
N CYS F 48 -22.76 -9.34 17.92
CA CYS F 48 -22.75 -8.32 16.90
C CYS F 48 -24.06 -8.39 16.12
N LEU F 49 -24.81 -7.31 16.11
CA LEU F 49 -25.98 -7.20 15.24
C LEU F 49 -25.52 -6.55 13.95
N SER F 50 -25.83 -7.19 12.81
CA SER F 50 -25.41 -6.69 11.52
C SER F 50 -26.64 -6.47 10.64
N LEU F 51 -26.81 -5.24 10.17
CA LEU F 51 -27.92 -4.91 9.28
C LEU F 51 -27.68 -5.56 7.91
N ASP F 52 -28.55 -6.50 7.53
CA ASP F 52 -28.41 -7.25 6.29
C ASP F 52 -29.70 -7.14 5.50
N PRO F 53 -29.68 -6.57 4.30
CA PRO F 53 -30.90 -6.56 3.47
C PRO F 53 -31.35 -7.95 3.05
N GLN F 54 -30.47 -8.95 3.10
CA GLN F 54 -30.88 -10.33 2.81
C GLN F 54 -31.71 -10.94 3.92
N ARG F 55 -31.85 -10.26 5.06
CA ARG F 55 -32.54 -10.83 6.21
C ARG F 55 -34.05 -10.66 6.04
N ARG F 56 -34.78 -11.77 6.08
CA ARG F 56 -36.23 -11.76 6.05
C ARG F 56 -36.77 -12.21 7.40
N VAL F 57 -37.81 -11.53 7.88
CA VAL F 57 -38.45 -11.92 9.13
C VAL F 57 -39.08 -13.30 8.93
N THR F 58 -38.50 -14.31 9.57
CA THR F 58 -38.88 -15.69 9.32
C THR F 58 -39.70 -16.23 10.47
N PRO F 59 -40.94 -16.68 10.25
CA PRO F 59 -41.67 -17.34 11.32
C PRO F 59 -40.97 -18.62 11.72
N PRO F 60 -41.17 -19.08 12.97
CA PRO F 60 -40.36 -20.21 13.46
C PRO F 60 -40.55 -21.49 12.68
N GLU F 61 -41.70 -21.70 12.05
CA GLU F 61 -41.95 -22.92 11.29
C GLU F 61 -41.24 -22.94 9.94
N GLU F 62 -40.69 -21.81 9.50
CA GLU F 62 -39.96 -21.72 8.24
C GLU F 62 -38.46 -21.74 8.42
N SER F 63 -37.98 -22.01 9.64
CA SER F 63 -36.56 -22.12 9.92
C SER F 63 -36.29 -23.43 10.65
N ASP F 64 -35.03 -23.86 10.59
CA ASP F 64 -34.62 -25.14 11.16
C ASP F 64 -34.42 -24.99 12.67
N TYR F 65 -33.89 -26.02 13.31
CA TYR F 65 -33.77 -26.07 14.76
C TYR F 65 -32.62 -25.25 15.32
N THR F 66 -31.77 -24.67 14.45
CA THR F 66 -30.66 -23.87 14.93
C THR F 66 -31.15 -22.76 15.85
N HIS F 67 -30.64 -22.73 17.07
CA HIS F 67 -31.04 -21.72 18.04
C HIS F 67 -29.85 -21.39 18.93
N TYR F 68 -29.97 -20.28 19.66
CA TYR F 68 -28.90 -19.76 20.50
C TYR F 68 -29.46 -19.51 21.90
N ALA F 69 -28.83 -20.12 22.90
CA ALA F 69 -29.31 -20.08 24.28
C ALA F 69 -28.36 -19.29 25.17
N PHE F 70 -28.94 -18.47 26.04
CA PHE F 70 -28.18 -17.67 27.00
C PHE F 70 -28.31 -18.27 28.39
N SER F 71 -27.21 -18.17 29.16
CA SER F 71 -27.20 -18.67 30.53
C SER F 71 -27.90 -17.68 31.45
N ILE F 72 -28.63 -18.23 32.42
CA ILE F 72 -29.31 -17.41 33.43
C ILE F 72 -29.40 -18.23 34.72
N SER F 73 -29.30 -17.54 35.84
CA SER F 73 -29.34 -18.22 37.13
C SER F 73 -30.75 -18.72 37.42
N GLU F 74 -30.83 -19.75 38.27
CA GLU F 74 -32.12 -20.31 38.66
C GLU F 74 -33.02 -19.25 39.29
N ALA F 75 -32.45 -18.38 40.13
CA ALA F 75 -33.26 -17.39 40.83
C ALA F 75 -33.86 -16.38 39.86
N ASP F 76 -33.10 -15.97 38.85
CA ASP F 76 -33.59 -14.94 37.94
C ASP F 76 -34.45 -15.49 36.80
N PHE F 77 -34.48 -16.82 36.61
CA PHE F 77 -35.17 -17.39 35.47
C PHE F 77 -36.65 -17.01 35.45
N ALA F 78 -37.38 -17.37 36.51
CA ALA F 78 -38.83 -17.18 36.51
C ALA F 78 -39.21 -15.73 36.25
N SER F 79 -38.60 -14.81 37.00
CA SER F 79 -38.92 -13.39 36.83
C SER F 79 -38.48 -12.87 35.46
N PHE F 80 -37.36 -13.37 34.95
CA PHE F 80 -36.89 -12.93 33.63
C PHE F 80 -37.79 -13.49 32.53
N ALA F 81 -38.19 -14.76 32.65
CA ALA F 81 -39.13 -15.32 31.69
C ALA F 81 -40.46 -14.59 31.73
N ALA F 82 -40.87 -14.12 32.91
CA ALA F 82 -42.09 -13.32 33.02
C ALA F 82 -41.93 -11.96 32.36
N ARG F 83 -40.73 -11.37 32.48
CA ARG F 83 -40.46 -10.09 31.84
C ARG F 83 -40.70 -10.15 30.34
N LEU F 84 -40.19 -11.20 29.69
CA LEU F 84 -40.37 -11.34 28.25
C LEU F 84 -41.83 -11.57 27.88
N GLU F 85 -42.54 -12.37 28.68
CA GLU F 85 -43.95 -12.62 28.41
C GLU F 85 -44.78 -11.34 28.51
N ALA F 86 -44.44 -10.47 29.47
CA ALA F 86 -45.18 -9.21 29.60
C ALA F 86 -44.96 -8.30 28.41
N ALA F 87 -43.79 -8.37 27.77
CA ALA F 87 -43.50 -7.54 26.59
C ALA F 87 -44.03 -8.12 25.30
N GLY F 88 -44.67 -9.29 25.32
CA GLY F 88 -45.24 -9.86 24.11
C GLY F 88 -44.30 -10.67 23.26
N VAL F 89 -43.16 -11.10 23.80
CA VAL F 89 -42.19 -11.87 23.03
C VAL F 89 -42.78 -13.24 22.69
N ALA F 90 -42.67 -13.64 21.43
CA ALA F 90 -43.28 -14.88 20.97
C ALA F 90 -42.45 -16.09 21.40
N VAL F 91 -43.16 -17.19 21.67
CA VAL F 91 -42.55 -18.46 22.05
C VAL F 91 -42.66 -19.44 20.89
N TRP F 92 -41.59 -20.18 20.64
CA TRP F 92 -41.56 -21.13 19.53
C TRP F 92 -41.36 -22.58 19.96
N LYS F 93 -41.23 -22.85 21.26
CA LYS F 93 -41.02 -24.22 21.74
C LYS F 93 -41.28 -24.27 23.24
N LEU F 94 -41.85 -25.39 23.69
CA LEU F 94 -42.09 -25.66 25.10
C LEU F 94 -40.95 -26.47 25.70
N ASN F 95 -40.66 -26.23 26.97
CA ASN F 95 -39.55 -26.90 27.63
C ASN F 95 -39.90 -28.35 27.94
N ARG F 96 -39.02 -29.26 27.53
CA ARG F 96 -39.18 -30.67 27.81
C ARG F 96 -37.93 -31.35 28.33
N SER F 97 -36.76 -30.72 28.20
CA SER F 97 -35.50 -31.34 28.62
C SER F 97 -35.15 -30.92 30.04
N GLU F 98 -34.04 -31.46 30.55
CA GLU F 98 -33.59 -31.13 31.89
C GLU F 98 -33.17 -29.66 31.95
N GLY F 99 -33.34 -29.08 33.12
CA GLY F 99 -33.00 -27.68 33.30
C GLY F 99 -34.08 -26.76 32.76
N ALA F 100 -34.08 -25.54 33.28
CA ALA F 100 -35.06 -24.55 32.86
C ALA F 100 -34.70 -24.02 31.48
N SER F 101 -35.69 -23.98 30.58
CA SER F 101 -35.49 -23.49 29.22
C SER F 101 -36.72 -22.71 28.77
N HIS F 102 -36.50 -21.50 28.25
CA HIS F 102 -37.56 -20.67 27.70
C HIS F 102 -37.17 -20.29 26.28
N TYR F 103 -37.93 -20.78 25.31
CA TYR F 103 -37.63 -20.59 23.89
C TYR F 103 -38.45 -19.43 23.34
N PHE F 104 -37.78 -18.38 22.87
CA PHE F 104 -38.44 -17.20 22.36
C PHE F 104 -37.76 -16.74 21.07
N LEU F 105 -38.43 -15.82 20.38
CA LEU F 105 -37.97 -15.29 19.10
C LEU F 105 -37.62 -13.81 19.23
N ASP F 106 -36.62 -13.39 18.45
CA ASP F 106 -36.22 -11.99 18.40
C ASP F 106 -37.03 -11.30 17.32
N PRO F 107 -36.93 -9.98 17.12
CA PRO F 107 -37.79 -9.32 16.10
C PRO F 107 -37.71 -9.93 14.71
N ASP F 108 -36.58 -10.51 14.33
CA ASP F 108 -36.40 -11.04 12.98
C ASP F 108 -36.67 -12.54 12.88
N GLY F 109 -37.07 -13.18 13.97
CA GLY F 109 -37.35 -14.60 13.96
C GLY F 109 -36.21 -15.50 14.40
N HIS F 110 -35.07 -14.92 14.80
CA HIS F 110 -33.98 -15.72 15.34
C HIS F 110 -34.44 -16.46 16.59
N LYS F 111 -34.25 -17.77 16.60
CA LYS F 111 -34.68 -18.61 17.71
C LYS F 111 -33.69 -18.46 18.86
N LEU F 112 -34.15 -17.90 19.97
CA LEU F 112 -33.34 -17.70 21.16
C LEU F 112 -33.85 -18.58 22.29
N GLU F 113 -33.07 -18.67 23.36
CA GLU F 113 -33.40 -19.53 24.48
C GLU F 113 -32.74 -19.01 25.75
N LEU F 114 -33.47 -19.05 26.85
CA LEU F 114 -32.90 -18.88 28.18
C LEU F 114 -32.83 -20.25 28.83
N HIS F 115 -31.63 -20.65 29.24
CA HIS F 115 -31.46 -21.99 29.82
C HIS F 115 -30.74 -21.87 31.16
N VAL F 116 -31.25 -22.59 32.16
CA VAL F 116 -30.63 -22.70 33.48
C VAL F 116 -29.97 -24.05 33.58
N GLY F 117 -28.65 -24.07 33.62
CA GLY F 117 -27.88 -25.28 33.74
C GLY F 117 -26.65 -25.21 32.85
N SER F 118 -25.65 -26.02 33.20
CA SER F 118 -24.40 -26.07 32.47
C SER F 118 -24.32 -27.39 31.72
N LEU F 119 -23.29 -27.49 30.86
CA LEU F 119 -23.09 -28.74 30.13
C LEU F 119 -22.73 -29.87 31.08
N ALA F 120 -21.95 -29.58 32.12
CA ALA F 120 -21.59 -30.60 33.10
C ALA F 120 -22.83 -31.14 33.80
N GLN F 121 -23.78 -30.27 34.13
CA GLN F 121 -25.01 -30.71 34.79
C GLN F 121 -25.89 -31.51 33.84
N ARG F 122 -25.93 -31.11 32.57
CA ARG F 122 -26.72 -31.85 31.59
C ARG F 122 -26.18 -33.26 31.39
N LEU F 123 -24.86 -33.40 31.28
CA LEU F 123 -24.25 -34.72 31.11
C LEU F 123 -24.57 -35.64 32.29
N ALA F 124 -24.44 -35.12 33.52
CA ALA F 124 -24.76 -35.92 34.70
C ALA F 124 -26.21 -36.38 34.67
N ALA F 125 -27.13 -35.52 34.24
CA ALA F 125 -28.53 -35.90 34.15
C ALA F 125 -28.74 -36.97 33.10
N CYS F 126 -27.99 -36.90 32.00
CA CYS F 126 -28.13 -37.90 30.94
C CYS F 126 -27.55 -39.25 31.33
N ARG F 127 -26.75 -39.32 32.40
CA ARG F 127 -26.22 -40.61 32.82
C ARG F 127 -27.27 -41.46 33.53
N GLU F 128 -28.21 -40.82 34.24
CA GLU F 128 -29.25 -41.59 34.91
C GLU F 128 -30.38 -41.97 33.96
N GLN F 129 -30.75 -41.06 33.04
CA GLN F 129 -31.79 -41.32 32.05
C GLN F 129 -31.29 -40.85 30.69
N PRO F 130 -30.54 -41.69 29.98
CA PRO F 130 -29.95 -41.29 28.70
C PRO F 130 -30.97 -41.28 27.57
N TYR F 131 -30.62 -40.53 26.52
CA TYR F 131 -31.44 -40.52 25.33
C TYR F 131 -31.21 -41.80 24.52
N LYS F 132 -32.08 -42.01 23.55
CA LYS F 132 -31.98 -43.22 22.72
C LYS F 132 -30.67 -43.24 21.95
N GLY F 133 -29.94 -44.36 22.09
CA GLY F 133 -28.69 -44.53 21.37
C GLY F 133 -27.56 -43.65 21.82
N MET F 134 -27.66 -43.06 23.01
CA MET F 134 -26.62 -42.15 23.48
C MET F 134 -25.37 -42.93 23.89
N VAL F 135 -24.21 -42.35 23.62
CA VAL F 135 -22.93 -42.92 24.02
C VAL F 135 -22.09 -41.82 24.67
N PHE F 136 -21.33 -42.20 25.68
CA PHE F 136 -20.50 -41.26 26.44
C PHE F 136 -19.03 -41.53 26.21
N PHE F 137 -18.24 -40.47 26.18
CA PHE F 137 -16.81 -40.58 25.92
C PHE F 137 -15.99 -40.13 27.13
N MET G 1 -35.46 16.13 -16.27
CA MET G 1 -34.41 16.72 -17.08
C MET G 1 -33.04 16.46 -16.47
N LEU G 2 -32.20 15.71 -17.18
CA LEU G 2 -30.83 15.48 -16.74
C LEU G 2 -29.94 16.63 -17.17
N SER G 3 -29.02 17.02 -16.29
CA SER G 3 -28.18 18.19 -16.51
C SER G 3 -26.75 17.84 -16.87
N GLY G 4 -26.43 16.57 -17.01
CA GLY G 4 -25.11 16.13 -17.41
C GLY G 4 -24.66 14.95 -16.59
N LEU G 5 -23.40 14.59 -16.76
CA LEU G 5 -22.82 13.48 -16.01
C LEU G 5 -22.51 13.95 -14.59
N ASN G 6 -23.02 13.22 -13.60
CA ASN G 6 -22.76 13.59 -12.21
C ASN G 6 -21.39 13.09 -11.76
N HIS G 7 -21.14 11.79 -11.89
CA HIS G 7 -19.85 11.22 -11.51
C HIS G 7 -19.58 9.96 -12.31
N LEU G 8 -18.30 9.61 -12.40
CA LEU G 8 -17.84 8.41 -13.07
C LEU G 8 -17.17 7.52 -12.04
N THR G 9 -17.69 6.30 -11.88
CA THR G 9 -17.17 5.33 -10.91
C THR G 9 -16.48 4.20 -11.66
N LEU G 10 -15.22 3.96 -11.34
CA LEU G 10 -14.43 2.89 -11.94
C LEU G 10 -14.10 1.84 -10.89
N ALA G 11 -14.49 0.60 -11.14
CA ALA G 11 -14.12 -0.50 -10.26
C ALA G 11 -12.64 -0.83 -10.43
N VAL G 12 -11.92 -0.88 -9.31
CA VAL G 12 -10.48 -1.14 -9.33
C VAL G 12 -10.15 -2.29 -8.40
N SER G 13 -9.12 -3.06 -8.76
CA SER G 13 -8.66 -4.19 -7.96
C SER G 13 -7.60 -3.80 -6.95
N GLN G 14 -6.82 -2.75 -7.23
CA GLN G 14 -5.75 -2.28 -6.36
C GLN G 14 -5.93 -0.78 -6.14
N LEU G 15 -6.24 -0.39 -4.90
CA LEU G 15 -6.56 1.02 -4.64
C LEU G 15 -5.33 1.90 -4.78
N ALA G 16 -4.22 1.53 -4.13
CA ALA G 16 -3.03 2.35 -4.18
C ALA G 16 -2.50 2.55 -5.60
N PRO G 17 -2.31 1.51 -6.43
CA PRO G 17 -1.86 1.78 -7.80
C PRO G 17 -2.83 2.63 -8.62
N SER G 18 -4.13 2.42 -8.46
CA SER G 18 -5.10 3.18 -9.24
C SER G 18 -5.05 4.66 -8.88
N VAL G 19 -4.98 4.97 -7.58
CA VAL G 19 -4.88 6.35 -7.14
C VAL G 19 -3.60 6.99 -7.70
N ALA G 20 -2.51 6.23 -7.72
CA ALA G 20 -1.27 6.75 -8.27
C ALA G 20 -1.37 7.01 -9.76
N PHE G 21 -2.01 6.12 -10.52
CA PHE G 21 -2.08 6.29 -11.96
C PHE G 21 -2.76 7.60 -12.33
N TYR G 22 -3.90 7.89 -11.70
CA TYR G 22 -4.65 9.09 -12.05
C TYR G 22 -4.07 10.35 -11.43
N GLN G 23 -3.45 10.24 -10.25
CA GLN G 23 -2.86 11.41 -9.60
C GLN G 23 -1.44 11.68 -10.09
N GLN G 24 -0.60 10.65 -10.17
CA GLN G 24 0.79 10.85 -10.57
C GLN G 24 0.90 11.10 -12.08
N LEU G 25 0.45 10.12 -12.87
CA LEU G 25 0.63 10.20 -14.32
C LEU G 25 -0.28 11.25 -14.96
N LEU G 26 -1.57 11.22 -14.63
CA LEU G 26 -2.54 12.09 -15.27
C LEU G 26 -2.73 13.44 -14.58
N GLY G 27 -2.09 13.64 -13.44
CA GLY G 27 -2.17 14.94 -12.80
C GLY G 27 -3.52 15.32 -12.25
N MET G 28 -4.40 14.33 -12.04
CA MET G 28 -5.72 14.62 -11.50
C MET G 28 -5.60 15.00 -10.02
N THR G 29 -6.60 15.72 -9.54
CA THR G 29 -6.59 16.23 -8.17
C THR G 29 -7.20 15.19 -7.24
N LEU G 30 -6.41 14.72 -6.28
CA LEU G 30 -6.88 13.75 -5.29
C LEU G 30 -7.48 14.49 -4.11
N HIS G 31 -8.77 14.26 -3.86
CA HIS G 31 -9.49 14.95 -2.79
C HIS G 31 -9.66 14.12 -1.53
N ALA G 32 -9.93 12.81 -1.67
CA ALA G 32 -10.14 11.98 -0.51
C ALA G 32 -9.78 10.53 -0.85
N ARG G 33 -9.54 9.74 0.20
CA ARG G 33 -9.18 8.34 0.03
C ARG G 33 -9.53 7.59 1.32
N TRP G 34 -10.22 6.47 1.17
CA TRP G 34 -10.62 5.62 2.29
C TRP G 34 -10.29 4.17 1.96
N ASP G 35 -10.61 3.27 2.88
CA ASP G 35 -10.24 1.86 2.72
C ASP G 35 -10.89 1.19 1.53
N SER G 36 -11.92 1.80 0.93
CA SER G 36 -12.64 1.18 -0.16
C SER G 36 -12.59 1.99 -1.46
N GLY G 37 -11.93 3.14 -1.48
CA GLY G 37 -11.87 3.92 -2.69
C GLY G 37 -11.24 5.27 -2.46
N ALA G 38 -11.40 6.14 -3.47
CA ALA G 38 -10.83 7.48 -3.42
C ALA G 38 -11.63 8.38 -4.37
N TYR G 39 -11.66 9.67 -4.03
CA TYR G 39 -12.31 10.70 -4.84
C TYR G 39 -11.24 11.55 -5.51
N LEU G 40 -11.30 11.64 -6.83
CA LEU G 40 -10.42 12.51 -7.59
C LEU G 40 -11.27 13.37 -8.52
N SER G 41 -10.69 14.49 -8.94
CA SER G 41 -11.37 15.41 -9.84
C SER G 41 -10.42 15.78 -10.97
N CYS G 42 -10.98 15.95 -12.16
CA CYS G 42 -10.23 16.35 -13.35
C CYS G 42 -11.08 17.42 -14.03
N GLY G 43 -10.85 18.68 -13.65
CA GLY G 43 -11.67 19.75 -14.16
C GLY G 43 -13.11 19.68 -13.71
N ASP G 44 -14.02 19.52 -14.67
CA ASP G 44 -15.45 19.39 -14.40
C ASP G 44 -15.88 17.96 -14.11
N LEU G 45 -14.96 17.01 -14.15
CA LEU G 45 -15.29 15.60 -13.98
C LEU G 45 -15.18 15.19 -12.51
N TRP G 46 -16.19 14.49 -12.00
CA TRP G 46 -16.15 13.87 -10.70
C TRP G 46 -15.83 12.39 -10.90
N LEU G 47 -14.60 11.99 -10.60
CA LEU G 47 -14.16 10.62 -10.76
C LEU G 47 -14.10 9.95 -9.38
N CYS G 48 -14.65 8.74 -9.29
CA CYS G 48 -14.63 7.96 -8.06
C CYS G 48 -14.03 6.60 -8.36
N LEU G 49 -12.94 6.28 -7.68
CA LEU G 49 -12.36 4.94 -7.74
C LEU G 49 -12.95 4.10 -6.62
N SER G 50 -13.47 2.93 -6.97
CA SER G 50 -14.09 2.03 -6.02
C SER G 50 -13.37 0.69 -6.07
N LEU G 51 -12.84 0.27 -4.92
CA LEU G 51 -12.16 -1.02 -4.83
C LEU G 51 -13.18 -2.14 -4.94
N ASP G 52 -13.07 -2.96 -5.99
CA ASP G 52 -14.04 -4.02 -6.26
C ASP G 52 -13.30 -5.33 -6.39
N PRO G 53 -13.55 -6.31 -5.51
CA PRO G 53 -12.92 -7.62 -5.67
C PRO G 53 -13.35 -8.38 -6.92
N GLN G 54 -14.50 -8.05 -7.51
CA GLN G 54 -14.89 -8.67 -8.77
C GLN G 54 -14.11 -8.16 -9.97
N ARG G 55 -13.26 -7.15 -9.79
CA ARG G 55 -12.58 -6.52 -10.91
C ARG G 55 -11.38 -7.37 -11.33
N ARG G 56 -11.35 -7.77 -12.59
CA ARG G 56 -10.24 -8.53 -13.16
C ARG G 56 -9.51 -7.68 -14.19
N VAL G 57 -8.17 -7.77 -14.18
CA VAL G 57 -7.34 -7.07 -15.15
C VAL G 57 -7.63 -7.65 -16.54
N THR G 58 -8.27 -6.86 -17.39
CA THR G 58 -8.78 -7.33 -18.67
C THR G 58 -7.90 -6.85 -19.82
N PRO G 59 -7.30 -7.73 -20.60
CA PRO G 59 -6.59 -7.27 -21.80
C PRO G 59 -7.54 -6.63 -22.78
N PRO G 60 -7.05 -5.74 -23.63
CA PRO G 60 -7.97 -4.96 -24.50
C PRO G 60 -8.77 -5.81 -25.47
N GLU G 61 -8.26 -6.96 -25.91
CA GLU G 61 -9.01 -7.78 -26.86
C GLU G 61 -10.14 -8.55 -26.21
N GLU G 62 -10.19 -8.62 -24.89
CA GLU G 62 -11.26 -9.31 -24.18
C GLU G 62 -12.31 -8.38 -23.60
N SER G 63 -12.26 -7.09 -23.96
CA SER G 63 -13.26 -6.12 -23.53
C SER G 63 -13.80 -5.38 -24.75
N ASP G 64 -14.99 -4.80 -24.60
CA ASP G 64 -15.65 -4.12 -25.71
C ASP G 64 -15.08 -2.71 -25.87
N TYR G 65 -15.70 -1.92 -26.74
CA TYR G 65 -15.20 -0.61 -27.11
C TYR G 65 -15.52 0.49 -26.10
N THR G 66 -16.28 0.18 -25.05
CA THR G 66 -16.62 1.20 -24.05
C THR G 66 -15.33 1.81 -23.49
N HIS G 67 -15.22 3.13 -23.62
CA HIS G 67 -14.03 3.84 -23.16
C HIS G 67 -14.40 5.23 -22.68
N TYR G 68 -13.46 5.86 -22.00
CA TYR G 68 -13.65 7.19 -21.41
C TYR G 68 -12.51 8.09 -21.85
N ALA G 69 -12.84 9.23 -22.45
CA ALA G 69 -11.86 10.13 -23.03
C ALA G 69 -11.79 11.43 -22.24
N PHE G 70 -10.58 11.91 -22.01
CA PHE G 70 -10.36 13.15 -21.29
C PHE G 70 -9.95 14.25 -22.27
N SER G 71 -10.41 15.47 -22.00
CA SER G 71 -10.07 16.60 -22.85
C SER G 71 -8.67 17.10 -22.53
N ILE G 72 -7.95 17.52 -23.57
CA ILE G 72 -6.62 18.08 -23.43
C ILE G 72 -6.41 19.10 -24.54
N SER G 73 -5.65 20.14 -24.24
CA SER G 73 -5.42 21.19 -25.23
C SER G 73 -4.52 20.69 -26.34
N GLU G 74 -4.62 21.34 -27.50
CA GLU G 74 -3.79 20.98 -28.65
C GLU G 74 -2.30 21.05 -28.30
N ALA G 75 -1.90 22.09 -27.56
CA ALA G 75 -0.49 22.26 -27.24
C ALA G 75 0.03 21.16 -26.32
N ASP G 76 -0.77 20.75 -25.34
CA ASP G 76 -0.30 19.79 -24.35
C ASP G 76 -0.43 18.33 -24.81
N PHE G 77 -1.15 18.07 -25.90
CA PHE G 77 -1.41 16.69 -26.30
C PHE G 77 -0.12 15.92 -26.55
N ALA G 78 0.70 16.41 -27.49
CA ALA G 78 1.86 15.66 -27.94
C ALA G 78 2.79 15.28 -26.78
N SER G 79 3.13 16.24 -25.93
CA SER G 79 4.01 15.96 -24.81
C SER G 79 3.36 15.02 -23.80
N PHE G 80 2.04 15.13 -23.63
CA PHE G 80 1.34 14.27 -22.68
C PHE G 80 1.28 12.83 -23.19
N ALA G 81 1.03 12.65 -24.49
CA ALA G 81 1.06 11.31 -25.06
C ALA G 81 2.45 10.69 -24.95
N ALA G 82 3.49 11.51 -25.02
CA ALA G 82 4.85 11.00 -24.81
C ALA G 82 5.06 10.60 -23.36
N ARG G 83 4.46 11.35 -22.43
CA ARG G 83 4.55 10.99 -21.01
C ARG G 83 4.01 9.59 -20.76
N LEU G 84 2.84 9.28 -21.33
CA LEU G 84 2.26 7.96 -21.14
C LEU G 84 3.10 6.89 -21.82
N GLU G 85 3.61 7.19 -23.02
CA GLU G 85 4.49 6.24 -23.70
C GLU G 85 5.77 6.02 -22.90
N ALA G 86 6.31 7.09 -22.31
CA ALA G 86 7.51 6.96 -21.50
C ALA G 86 7.28 6.17 -20.23
N ALA G 87 6.08 6.24 -19.67
CA ALA G 87 5.75 5.51 -18.45
C ALA G 87 5.35 4.07 -18.72
N GLY G 88 5.35 3.63 -19.97
CA GLY G 88 5.01 2.27 -20.31
C GLY G 88 3.53 2.02 -20.47
N VAL G 89 2.72 3.07 -20.57
CA VAL G 89 1.28 2.88 -20.71
C VAL G 89 0.98 2.26 -22.07
N ALA G 90 0.16 1.22 -22.05
CA ALA G 90 -0.17 0.48 -23.26
C ALA G 90 -1.22 1.23 -24.08
N VAL G 91 -1.15 1.07 -25.39
CA VAL G 91 -2.11 1.64 -26.31
C VAL G 91 -3.01 0.52 -26.82
N TRP G 92 -4.31 0.78 -26.88
CA TRP G 92 -5.28 -0.22 -27.28
C TRP G 92 -5.99 0.12 -28.58
N LYS G 93 -5.68 1.26 -29.19
CA LYS G 93 -6.29 1.66 -30.45
C LYS G 93 -5.43 2.77 -31.03
N LEU G 94 -5.29 2.77 -32.36
CA LEU G 94 -4.51 3.77 -33.06
C LEU G 94 -5.41 4.92 -33.53
N ASN G 95 -4.85 6.12 -33.56
CA ASN G 95 -5.61 7.29 -33.92
C ASN G 95 -5.86 7.32 -35.42
N ARG G 96 -7.13 7.47 -35.82
CA ARG G 96 -7.50 7.58 -37.22
C ARG G 96 -8.49 8.69 -37.52
N SER G 97 -9.16 9.26 -36.52
CA SER G 97 -10.19 10.26 -36.75
C SER G 97 -9.62 11.66 -36.63
N GLU G 98 -10.48 12.66 -36.87
CA GLU G 98 -10.08 14.06 -36.77
C GLU G 98 -9.77 14.41 -35.33
N GLY G 99 -8.85 15.34 -35.17
CA GLY G 99 -8.44 15.75 -33.84
C GLY G 99 -7.47 14.75 -33.23
N ALA G 100 -6.70 15.25 -32.25
CA ALA G 100 -5.71 14.42 -31.59
C ALA G 100 -6.40 13.43 -30.66
N SER G 101 -6.03 12.16 -30.76
CA SER G 101 -6.59 11.11 -29.91
C SER G 101 -5.51 10.09 -29.57
N HIS G 102 -5.34 9.81 -28.29
CA HIS G 102 -4.41 8.78 -27.83
C HIS G 102 -5.18 7.83 -26.92
N TYR G 103 -5.31 6.58 -27.35
CA TYR G 103 -6.07 5.57 -26.62
C TYR G 103 -5.11 4.75 -25.77
N PHE G 104 -5.28 4.80 -24.45
CA PHE G 104 -4.37 4.10 -23.55
C PHE G 104 -5.18 3.38 -22.47
N LEU G 105 -4.49 2.50 -21.74
CA LEU G 105 -5.11 1.66 -20.73
C LEU G 105 -4.63 2.03 -19.33
N ASP G 106 -5.53 1.91 -18.36
CA ASP G 106 -5.27 2.15 -16.94
C ASP G 106 -4.82 0.85 -16.28
N PRO G 107 -4.43 0.86 -14.99
CA PRO G 107 -3.91 -0.38 -14.38
C PRO G 107 -4.86 -1.57 -14.45
N ASP G 108 -6.18 -1.37 -14.44
CA ASP G 108 -7.13 -2.47 -14.44
C ASP G 108 -7.65 -2.82 -15.82
N GLY G 109 -7.18 -2.14 -16.87
CA GLY G 109 -7.62 -2.41 -18.22
C GLY G 109 -8.73 -1.53 -18.72
N HIS G 110 -9.20 -0.57 -17.92
CA HIS G 110 -10.18 0.39 -18.41
C HIS G 110 -9.62 1.17 -19.58
N LYS G 111 -10.36 1.19 -20.68
CA LYS G 111 -9.91 1.86 -21.89
C LYS G 111 -10.11 3.37 -21.75
N LEU G 112 -9.00 4.11 -21.78
CA LEU G 112 -9.03 5.56 -21.66
C LEU G 112 -8.57 6.20 -22.96
N GLU G 113 -8.76 7.52 -23.05
CA GLU G 113 -8.45 8.26 -24.26
C GLU G 113 -8.14 9.71 -23.92
N LEU G 114 -7.15 10.27 -24.60
CA LEU G 114 -6.91 11.70 -24.62
C LEU G 114 -7.39 12.23 -25.95
N HIS G 115 -8.31 13.20 -25.92
CA HIS G 115 -8.86 13.74 -27.17
C HIS G 115 -8.81 15.26 -27.16
N VAL G 116 -8.40 15.82 -28.29
CA VAL G 116 -8.43 17.26 -28.51
C VAL G 116 -9.58 17.57 -29.44
N GLY G 117 -10.62 18.20 -28.93
CA GLY G 117 -11.77 18.57 -29.72
C GLY G 117 -13.07 18.37 -28.95
N SER G 118 -14.09 19.10 -29.37
CA SER G 118 -15.43 19.06 -28.79
C SER G 118 -16.40 18.40 -29.75
N LEU G 119 -17.63 18.19 -29.27
CA LEU G 119 -18.67 17.63 -30.13
C LEU G 119 -19.00 18.57 -31.28
N ALA G 120 -19.01 19.88 -31.01
CA ALA G 120 -19.29 20.85 -32.05
C ALA G 120 -18.26 20.78 -33.18
N GLN G 121 -16.98 20.61 -32.82
CA GLN G 121 -15.94 20.52 -33.84
C GLN G 121 -16.02 19.21 -34.61
N ARG G 122 -16.35 18.11 -33.92
CA ARG G 122 -16.51 16.83 -34.60
C ARG G 122 -17.68 16.87 -35.58
N LEU G 123 -18.81 17.44 -35.15
CA LEU G 123 -19.97 17.55 -36.02
C LEU G 123 -19.64 18.38 -37.25
N ALA G 124 -18.97 19.53 -37.06
CA ALA G 124 -18.57 20.36 -38.19
C ALA G 124 -17.65 19.62 -39.13
N ALA G 125 -16.73 18.82 -38.58
CA ALA G 125 -15.83 18.03 -39.42
C ALA G 125 -16.59 16.95 -40.19
N CYS G 126 -17.61 16.34 -39.56
CA CYS G 126 -18.39 15.31 -40.21
C CYS G 126 -19.33 15.86 -41.29
N ARG G 127 -19.54 17.17 -41.33
CA ARG G 127 -20.40 17.74 -42.37
C ARG G 127 -19.70 17.75 -43.72
N GLU G 128 -18.36 17.86 -43.72
CA GLU G 128 -17.62 17.83 -44.97
C GLU G 128 -17.40 16.41 -45.46
N GLN G 129 -17.12 15.48 -44.55
CA GLN G 129 -16.89 14.07 -44.89
C GLN G 129 -17.65 13.19 -43.90
N PRO G 130 -18.93 12.94 -44.15
CA PRO G 130 -19.71 12.16 -43.19
C PRO G 130 -19.36 10.69 -43.25
N TYR G 131 -19.67 10.00 -42.16
CA TYR G 131 -19.48 8.56 -42.11
C TYR G 131 -20.59 7.86 -42.90
N LYS G 132 -20.41 6.56 -43.13
CA LYS G 132 -21.39 5.81 -43.90
C LYS G 132 -22.75 5.85 -43.24
N GLY G 133 -23.76 6.28 -44.01
CA GLY G 133 -25.11 6.31 -43.50
C GLY G 133 -25.37 7.34 -42.42
N MET G 134 -24.49 8.32 -42.27
CA MET G 134 -24.65 9.31 -41.22
C MET G 134 -25.78 10.28 -41.58
N VAL G 135 -26.56 10.66 -40.58
CA VAL G 135 -27.62 11.64 -40.71
C VAL G 135 -27.52 12.62 -39.56
N PHE G 136 -27.87 13.87 -39.83
CA PHE G 136 -27.79 14.94 -38.86
C PHE G 136 -29.19 15.37 -38.47
N PHE G 137 -29.38 15.73 -37.20
CA PHE G 137 -30.68 16.11 -36.67
C PHE G 137 -30.60 17.59 -36.29
N GLU G 138 -30.90 18.45 -37.26
CA GLU G 138 -30.77 19.88 -37.09
C GLU G 138 -32.08 20.51 -36.63
N GLN G 139 -31.97 21.68 -36.02
CA GLN G 139 -33.13 22.47 -35.64
C GLN G 139 -33.10 23.89 -36.19
N HIS G 140 -31.90 24.46 -36.42
CA HIS G 140 -31.74 25.80 -36.95
C HIS G 140 -32.42 26.84 -36.06
N HIS G 141 -31.74 27.27 -35.00
CA HIS G 141 -32.29 28.26 -34.08
C HIS G 141 -31.48 29.56 -34.15
N MET H 1 -1.98 19.08 -18.95
CA MET H 1 -3.12 19.35 -18.09
C MET H 1 -4.42 18.89 -18.75
N LEU H 2 -5.09 17.92 -18.13
CA LEU H 2 -6.38 17.49 -18.61
C LEU H 2 -7.47 18.42 -18.07
N SER H 3 -8.44 18.73 -18.93
CA SER H 3 -9.46 19.74 -18.62
C SER H 3 -10.82 19.15 -18.29
N GLY H 4 -10.95 17.83 -18.26
CA GLY H 4 -12.19 17.19 -17.90
C GLY H 4 -12.47 16.02 -18.82
N LEU H 5 -13.68 15.49 -18.70
CA LEU H 5 -14.09 14.39 -19.55
C LEU H 5 -14.46 14.93 -20.92
N ASN H 6 -13.86 14.37 -21.97
CA ASN H 6 -14.16 14.82 -23.32
C ASN H 6 -15.44 14.18 -23.82
N HIS H 7 -15.50 12.85 -23.82
CA HIS H 7 -16.69 12.14 -24.23
C HIS H 7 -16.74 10.79 -23.55
N LEU H 8 -17.95 10.24 -23.48
CA LEU H 8 -18.20 8.90 -22.95
C LEU H 8 -18.72 8.05 -24.08
N THR H 9 -18.02 6.96 -24.38
CA THR H 9 -18.38 6.05 -25.46
C THR H 9 -18.89 4.77 -24.85
N LEU H 10 -20.11 4.38 -25.22
CA LEU H 10 -20.74 3.16 -24.74
C LEU H 10 -20.90 2.18 -25.90
N ALA H 11 -20.30 1.01 -25.77
CA ALA H 11 -20.51 -0.04 -26.76
C ALA H 11 -21.92 -0.59 -26.63
N VAL H 12 -22.63 -0.67 -27.75
CA VAL H 12 -24.01 -1.14 -27.77
C VAL H 12 -24.14 -2.25 -28.80
N SER H 13 -25.03 -3.20 -28.50
CA SER H 13 -25.26 -4.33 -29.40
C SER H 13 -26.33 -4.04 -30.43
N GLN H 14 -27.28 -3.18 -30.10
CA GLN H 14 -28.35 -2.77 -31.01
C GLN H 14 -28.44 -1.25 -30.97
N LEU H 15 -28.10 -0.61 -32.09
CA LEU H 15 -28.01 0.85 -32.10
C LEU H 15 -29.37 1.50 -31.93
N ALA H 16 -30.36 1.05 -32.70
CA ALA H 16 -31.69 1.66 -32.61
C ALA H 16 -32.30 1.59 -31.22
N PRO H 17 -32.34 0.43 -30.53
CA PRO H 17 -32.87 0.44 -29.16
C PRO H 17 -32.08 1.33 -28.21
N SER H 18 -30.75 1.33 -28.32
CA SER H 18 -29.94 2.16 -27.43
C SER H 18 -30.15 3.64 -27.70
N VAL H 19 -30.21 4.03 -28.97
CA VAL H 19 -30.47 5.43 -29.32
C VAL H 19 -31.83 5.85 -28.78
N ALA H 20 -32.82 4.97 -28.87
CA ALA H 20 -34.13 5.27 -28.31
C ALA H 20 -34.07 5.37 -26.79
N PHE H 21 -33.31 4.49 -26.14
CA PHE H 21 -33.26 4.49 -24.67
C PHE H 21 -32.76 5.82 -24.13
N TYR H 22 -31.65 6.33 -24.68
CA TYR H 22 -31.08 7.57 -24.15
C TYR H 22 -31.80 8.81 -24.66
N GLN H 23 -32.36 8.76 -25.87
CA GLN H 23 -33.05 9.93 -26.40
C GLN H 23 -34.51 9.99 -25.94
N GLN H 24 -35.24 8.87 -26.01
CA GLN H 24 -36.65 8.89 -25.63
C GLN H 24 -36.81 8.90 -24.11
N LEU H 25 -36.27 7.89 -23.44
CA LEU H 25 -36.49 7.74 -22.00
C LEU H 25 -35.75 8.81 -21.21
N LEU H 26 -34.46 9.01 -21.50
CA LEU H 26 -33.65 9.93 -20.72
C LEU H 26 -33.68 11.35 -21.25
N GLY H 27 -34.35 11.60 -22.37
CA GLY H 27 -34.53 12.95 -22.87
C GLY H 27 -33.27 13.61 -23.38
N MET H 28 -32.23 12.84 -23.68
CA MET H 28 -31.02 13.41 -24.23
C MET H 28 -31.24 13.84 -25.68
N THR H 29 -30.42 14.80 -26.12
CA THR H 29 -30.54 15.37 -27.45
C THR H 29 -29.71 14.56 -28.44
N LEU H 30 -30.38 14.02 -29.46
CA LEU H 30 -29.72 13.25 -30.51
C LEU H 30 -29.24 14.21 -31.60
N HIS H 31 -27.93 14.23 -31.83
CA HIS H 31 -27.33 15.14 -32.78
C HIS H 31 -27.02 14.49 -34.13
N ALA H 32 -26.56 13.25 -34.13
CA ALA H 32 -26.21 12.56 -35.36
C ALA H 32 -26.34 11.06 -35.15
N ARG H 33 -26.44 10.34 -36.26
CA ARG H 33 -26.58 8.89 -36.23
C ARG H 33 -26.05 8.31 -37.52
N TRP H 34 -25.18 7.30 -37.42
CA TRP H 34 -24.60 6.63 -38.58
C TRP H 34 -24.66 5.13 -38.34
N ASP H 35 -24.15 4.37 -39.33
CA ASP H 35 -24.25 2.91 -39.29
C ASP H 35 -23.44 2.29 -38.17
N SER H 36 -22.54 3.03 -37.53
CA SER H 36 -21.67 2.48 -36.50
C SER H 36 -21.85 3.14 -35.14
N GLY H 37 -22.76 4.10 -35.00
CA GLY H 37 -22.96 4.71 -33.71
C GLY H 37 -23.89 5.92 -33.81
N ALA H 38 -23.89 6.69 -32.72
CA ALA H 38 -24.73 7.87 -32.61
C ALA H 38 -24.12 8.82 -31.58
N TYR H 39 -24.35 10.11 -31.78
CA TYR H 39 -23.90 11.17 -30.88
C TYR H 39 -25.11 11.75 -30.15
N LEU H 40 -25.07 11.74 -28.82
CA LEU H 40 -26.08 12.38 -28.01
C LEU H 40 -25.40 13.29 -26.99
N SER H 41 -26.14 14.26 -26.49
CA SER H 41 -25.62 15.21 -25.53
C SER H 41 -26.57 15.35 -24.34
N CYS H 42 -26.00 15.54 -23.17
CA CYS H 42 -26.74 15.74 -21.92
C CYS H 42 -26.06 16.90 -21.21
N GLY H 43 -26.52 18.11 -21.49
CA GLY H 43 -25.87 19.29 -20.96
C GLY H 43 -24.47 19.46 -21.52
N ASP H 44 -23.48 19.43 -20.64
CA ASP H 44 -22.07 19.50 -21.04
C ASP H 44 -21.48 18.13 -21.36
N LEU H 45 -22.26 17.06 -21.27
CA LEU H 45 -21.78 15.71 -21.49
C LEU H 45 -21.87 15.33 -22.96
N TRP H 46 -20.77 14.79 -23.50
CA TRP H 46 -20.75 14.23 -24.84
C TRP H 46 -20.83 12.71 -24.73
N LEU H 47 -22.00 12.16 -25.07
CA LEU H 47 -22.23 10.72 -25.02
C LEU H 47 -22.17 10.16 -26.43
N CYS H 48 -21.44 9.06 -26.61
CA CYS H 48 -21.32 8.38 -27.89
C CYS H 48 -21.74 6.93 -27.73
N LEU H 49 -22.75 6.53 -28.48
CA LEU H 49 -23.14 5.12 -28.57
C LEU H 49 -22.42 4.52 -29.78
N SER H 50 -21.73 3.40 -29.56
CA SER H 50 -20.97 2.73 -30.61
C SER H 50 -21.46 1.30 -30.76
N LEU H 51 -21.89 0.95 -31.98
CA LEU H 51 -22.32 -0.41 -32.26
C LEU H 51 -21.11 -1.35 -32.23
N ASP H 52 -21.12 -2.30 -31.29
CA ASP H 52 -20.00 -3.22 -31.11
C ASP H 52 -20.55 -4.64 -31.15
N PRO H 53 -20.14 -5.46 -32.13
CA PRO H 53 -20.59 -6.86 -32.15
C PRO H 53 -20.07 -7.67 -30.97
N GLN H 54 -18.99 -7.23 -30.33
CA GLN H 54 -18.49 -7.90 -29.12
C GLN H 54 -19.35 -7.63 -27.90
N ARG H 55 -20.34 -6.76 -28.00
CA ARG H 55 -21.13 -6.37 -26.83
C ARG H 55 -22.19 -7.41 -26.55
N ARG H 56 -22.18 -7.96 -25.34
CA ARG H 56 -23.18 -8.91 -24.88
C ARG H 56 -24.02 -8.27 -23.78
N VAL H 57 -25.33 -8.55 -23.80
CA VAL H 57 -26.24 -8.04 -22.78
C VAL H 57 -25.85 -8.66 -21.44
N THR H 58 -25.33 -7.83 -20.53
CA THR H 58 -24.73 -8.32 -19.30
C THR H 58 -25.68 -8.11 -18.13
N PRO H 59 -26.12 -9.18 -17.45
CA PRO H 59 -26.89 -8.98 -16.24
C PRO H 59 -26.06 -8.31 -15.17
N PRO H 60 -26.69 -7.60 -14.24
CA PRO H 60 -25.91 -6.79 -13.28
C PRO H 60 -24.98 -7.60 -12.40
N GLU H 61 -25.30 -8.86 -12.12
CA GLU H 61 -24.45 -9.68 -11.27
C GLU H 61 -23.20 -10.18 -11.97
N GLU H 62 -23.12 -10.06 -13.30
CA GLU H 62 -21.96 -10.51 -14.06
C GLU H 62 -21.03 -9.38 -14.46
N SER H 63 -21.25 -8.17 -13.94
CA SER H 63 -20.39 -7.04 -14.21
C SER H 63 -19.98 -6.39 -12.89
N ASP H 64 -18.88 -5.63 -12.93
CA ASP H 64 -18.33 -5.03 -11.73
C ASP H 64 -19.11 -3.75 -11.39
N TYR H 65 -18.60 -3.00 -10.41
CA TYR H 65 -19.30 -1.84 -9.87
C TYR H 65 -19.21 -0.60 -10.75
N THR H 66 -18.44 -0.65 -11.84
CA THR H 66 -18.30 0.50 -12.74
C THR H 66 -19.67 0.98 -13.21
N HIS H 67 -19.97 2.25 -12.96
CA HIS H 67 -21.25 2.82 -13.35
C HIS H 67 -21.07 4.30 -13.69
N TYR H 68 -22.08 4.86 -14.34
CA TYR H 68 -22.09 6.25 -14.79
C TYR H 68 -23.36 6.90 -14.30
N ALA H 69 -23.22 8.01 -13.59
CA ALA H 69 -24.35 8.68 -12.95
C ALA H 69 -24.62 10.02 -13.63
N PHE H 70 -25.89 10.31 -13.86
CA PHE H 70 -26.30 11.57 -14.47
C PHE H 70 -26.88 12.50 -13.41
N SER H 71 -26.61 13.79 -13.57
CA SER H 71 -27.10 14.78 -12.63
C SER H 71 -28.57 15.09 -12.88
N ILE H 72 -29.31 15.32 -11.80
CA ILE H 72 -30.72 15.68 -11.88
C ILE H 72 -31.06 16.57 -10.68
N SER H 73 -31.98 17.50 -10.90
CA SER H 73 -32.34 18.44 -9.85
C SER H 73 -33.13 17.75 -8.75
N GLU H 74 -33.10 18.35 -7.57
CA GLU H 74 -33.84 17.80 -6.43
C GLU H 74 -35.32 17.63 -6.74
N ALA H 75 -35.91 18.61 -7.43
CA ALA H 75 -37.34 18.55 -7.73
C ALA H 75 -37.66 17.45 -8.74
N ASP H 76 -36.79 17.27 -9.75
CA ASP H 76 -37.08 16.35 -10.84
C ASP H 76 -36.70 14.90 -10.54
N PHE H 77 -35.95 14.63 -9.47
CA PHE H 77 -35.45 13.28 -9.23
C PHE H 77 -36.59 12.27 -9.10
N ALA H 78 -37.49 12.52 -8.14
CA ALA H 78 -38.53 11.55 -7.80
C ALA H 78 -39.34 11.14 -9.03
N SER H 79 -39.82 12.13 -9.79
CA SER H 79 -40.63 11.83 -10.96
C SER H 79 -39.85 11.08 -12.03
N PHE H 80 -38.55 11.37 -12.17
CA PHE H 80 -37.74 10.69 -13.18
C PHE H 80 -37.51 9.23 -12.79
N ALA H 81 -37.24 8.97 -11.52
CA ALA H 81 -37.10 7.58 -11.08
C ALA H 81 -38.39 6.80 -11.27
N ALA H 82 -39.54 7.46 -11.11
CA ALA H 82 -40.82 6.81 -11.37
C ALA H 82 -41.01 6.53 -12.86
N ARG H 83 -40.56 7.46 -13.71
CA ARG H 83 -40.63 7.25 -15.16
C ARG H 83 -39.87 6.00 -15.57
N LEU H 84 -38.64 5.84 -15.07
CA LEU H 84 -37.83 4.70 -15.46
C LEU H 84 -38.43 3.38 -14.98
N GLU H 85 -38.91 3.34 -13.74
CA GLU H 85 -39.55 2.13 -13.24
C GLU H 85 -40.83 1.81 -14.02
N ALA H 86 -41.59 2.85 -14.36
CA ALA H 86 -42.82 2.64 -15.13
C ALA H 86 -42.51 2.15 -16.54
N ALA H 87 -41.38 2.55 -17.11
CA ALA H 87 -40.98 2.12 -18.44
C ALA H 87 -40.30 0.76 -18.44
N GLY H 88 -40.17 0.13 -17.28
CA GLY H 88 -39.56 -1.19 -17.19
C GLY H 88 -38.06 -1.21 -17.06
N VAL H 89 -37.44 -0.06 -16.76
CA VAL H 89 -35.99 -0.03 -16.59
C VAL H 89 -35.61 -0.81 -15.34
N ALA H 90 -34.63 -1.69 -15.47
CA ALA H 90 -34.26 -2.55 -14.36
C ALA H 90 -33.40 -1.79 -13.35
N VAL H 91 -33.56 -2.16 -12.08
CA VAL H 91 -32.77 -1.58 -10.98
C VAL H 91 -31.78 -2.63 -10.52
N TRP H 92 -30.53 -2.20 -10.28
CA TRP H 92 -29.46 -3.10 -9.90
C TRP H 92 -28.86 -2.81 -8.53
N LYS H 93 -29.33 -1.79 -7.82
CA LYS H 93 -28.74 -1.46 -6.53
C LYS H 93 -29.66 -0.51 -5.79
N LEU H 94 -29.71 -0.66 -4.46
CA LEU H 94 -30.49 0.20 -3.59
C LEU H 94 -29.63 1.33 -3.04
N ASN H 95 -30.24 2.50 -2.87
CA ASN H 95 -29.55 3.69 -2.41
C ASN H 95 -29.28 3.61 -0.91
N ARG H 96 -28.03 3.86 -0.52
CA ARG H 96 -27.65 3.88 0.89
C ARG H 96 -26.84 5.10 1.29
N SER H 97 -26.28 5.84 0.35
CA SER H 97 -25.44 6.98 0.66
C SER H 97 -26.25 8.27 0.65
N GLU H 98 -25.58 9.38 0.96
CA GLU H 98 -26.23 10.69 0.98
C GLU H 98 -26.67 11.10 -0.42
N GLY H 99 -27.75 11.87 -0.46
CA GLY H 99 -28.29 12.32 -1.73
C GLY H 99 -29.14 11.26 -2.41
N ALA H 100 -30.01 11.73 -3.30
CA ALA H 100 -30.89 10.83 -4.03
C ALA H 100 -30.11 10.07 -5.08
N SER H 101 -30.32 8.75 -5.13
CA SER H 101 -29.62 7.90 -6.09
C SER H 101 -30.55 6.81 -6.59
N HIS H 102 -30.63 6.68 -7.92
CA HIS H 102 -31.41 5.63 -8.57
C HIS H 102 -30.50 4.86 -9.51
N TYR H 103 -30.25 3.60 -9.21
CA TYR H 103 -29.34 2.77 -9.97
C TYR H 103 -30.14 1.93 -10.95
N PHE H 104 -29.92 2.15 -12.25
CA PHE H 104 -30.68 1.46 -13.28
C PHE H 104 -29.76 0.99 -14.39
N LEU H 105 -30.30 0.13 -15.25
CA LEU H 105 -29.56 -0.48 -16.36
C LEU H 105 -30.11 -0.01 -17.69
N ASP H 106 -29.20 0.12 -18.66
CA ASP H 106 -29.55 0.50 -20.03
C ASP H 106 -29.81 -0.79 -20.81
N PRO H 107 -30.25 -0.74 -22.09
CA PRO H 107 -30.58 -2.00 -22.78
C PRO H 107 -29.47 -3.02 -22.82
N ASP H 108 -28.21 -2.59 -22.79
CA ASP H 108 -27.08 -3.52 -22.90
C ASP H 108 -26.51 -3.91 -21.55
N GLY H 109 -27.09 -3.43 -20.45
CA GLY H 109 -26.62 -3.78 -19.13
C GLY H 109 -25.65 -2.80 -18.51
N HIS H 110 -25.33 -1.69 -19.18
CA HIS H 110 -24.49 -0.67 -18.57
C HIS H 110 -25.16 -0.13 -17.31
N LYS H 111 -24.41 -0.12 -16.22
CA LYS H 111 -24.94 0.32 -14.94
C LYS H 111 -24.99 1.84 -14.93
N LEU H 112 -26.19 2.40 -14.86
CA LEU H 112 -26.39 3.84 -14.82
C LEU H 112 -26.95 4.24 -13.46
N GLU H 113 -26.96 5.55 -13.22
CA GLU H 113 -27.40 6.07 -11.94
C GLU H 113 -27.92 7.48 -12.11
N LEU H 114 -28.99 7.80 -11.40
CA LEU H 114 -29.45 9.19 -11.25
C LEU H 114 -29.04 9.65 -9.85
N HIS H 115 -28.25 10.72 -9.78
CA HIS H 115 -27.77 11.20 -8.49
C HIS H 115 -28.02 12.70 -8.37
N VAL H 116 -28.53 13.10 -7.20
CA VAL H 116 -28.74 14.51 -6.85
C VAL H 116 -27.65 14.90 -5.86
N GLY H 117 -26.75 15.77 -6.28
CA GLY H 117 -25.68 16.25 -5.42
C GLY H 117 -24.37 16.38 -6.17
N SER H 118 -23.49 17.20 -5.63
CA SER H 118 -22.17 17.44 -6.20
C SER H 118 -21.10 16.82 -5.32
N LEU H 119 -19.87 16.84 -5.83
CA LEU H 119 -18.74 16.32 -5.05
C LEU H 119 -18.49 17.17 -3.81
N ALA H 120 -18.67 18.49 -3.94
CA ALA H 120 -18.48 19.37 -2.79
C ALA H 120 -19.43 19.01 -1.66
N GLN H 121 -20.68 18.70 -1.99
CA GLN H 121 -21.63 18.29 -0.97
C GLN H 121 -21.29 16.91 -0.43
N ARG H 122 -20.85 16.00 -1.31
CA ARG H 122 -20.43 14.67 -0.86
C ARG H 122 -19.23 14.77 0.07
N LEU H 123 -18.23 15.58 -0.31
CA LEU H 123 -17.08 15.78 0.56
C LEU H 123 -17.49 16.42 1.88
N ALA H 124 -18.34 17.46 1.79
CA ALA H 124 -18.84 18.12 3.00
C ALA H 124 -19.62 17.14 3.87
N ALA H 125 -20.41 16.27 3.24
CA ALA H 125 -21.14 15.26 3.99
C ALA H 125 -20.19 14.26 4.64
N CYS H 126 -19.11 13.90 3.95
CA CYS H 126 -18.14 12.97 4.49
C CYS H 126 -17.31 13.58 5.61
N ARG H 127 -17.30 14.91 5.75
CA ARG H 127 -16.57 15.52 6.86
C ARG H 127 -17.31 15.34 8.17
N GLU H 128 -18.65 15.29 8.12
CA GLU H 128 -19.42 15.08 9.34
C GLU H 128 -19.49 13.61 9.73
N GLN H 129 -19.62 12.72 8.74
CA GLN H 129 -19.66 11.28 8.97
C GLN H 129 -18.77 10.60 7.94
N PRO H 130 -17.48 10.50 8.22
CA PRO H 130 -16.55 9.93 7.24
C PRO H 130 -16.64 8.42 7.17
N TYR H 131 -16.18 7.89 6.04
CA TYR H 131 -16.11 6.46 5.84
C TYR H 131 -14.91 5.88 6.59
N LYS H 132 -14.87 4.55 6.67
CA LYS H 132 -13.80 3.86 7.38
C LYS H 132 -12.45 4.19 6.76
N GLY H 133 -11.53 4.69 7.57
CA GLY H 133 -10.19 4.99 7.10
C GLY H 133 -10.09 6.13 6.13
N MET H 134 -11.12 6.98 6.03
CA MET H 134 -11.11 8.07 5.07
C MET H 134 -10.14 9.17 5.50
N VAL H 135 -9.46 9.75 4.53
CA VAL H 135 -8.58 10.89 4.73
C VAL H 135 -8.89 11.93 3.66
N PHE H 136 -8.78 13.20 4.01
CA PHE H 136 -9.10 14.30 3.12
C PHE H 136 -7.84 15.05 2.74
N PHE H 137 -7.78 15.48 1.49
CA PHE H 137 -6.65 16.23 0.93
C PHE H 137 -7.19 17.61 0.59
N GLU H 138 -6.96 18.58 1.47
CA GLU H 138 -7.53 19.91 1.35
C GLU H 138 -6.42 20.95 1.29
N GLN H 139 -6.49 21.82 0.29
CA GLN H 139 -5.54 22.92 0.16
C GLN H 139 -6.04 24.21 0.82
N HIS H 140 -7.28 24.20 1.33
CA HIS H 140 -7.88 25.38 1.97
C HIS H 140 -7.73 26.63 1.11
N HIS H 141 -7.95 26.47 -0.19
CA HIS H 141 -7.85 27.57 -1.14
C HIS H 141 -8.91 28.64 -0.85
MN MN I . 21.31 7.52 21.52
C10 A81 J . 26.19 6.95 26.94
C20 A81 J . 31.24 4.47 27.08
C21 A81 J . 31.38 4.07 28.41
O01 A81 J . 28.43 3.40 28.11
N02 A81 J . 28.16 4.13 26.95
O03 A81 J . 27.28 3.78 26.25
C04 A81 J . 28.94 5.31 26.61
C05 A81 J . 30.33 5.43 26.69
N06 A81 J . 30.64 6.66 26.30
N07 A81 J . 29.50 7.33 25.98
C08 A81 J . 28.47 6.54 26.16
C09 A81 J . 27.15 6.90 25.93
N11 A81 J . 24.95 7.32 26.65
C12 A81 J . 24.60 7.64 25.37
N13 A81 J . 25.47 7.60 24.40
C14 A81 J . 26.75 7.24 24.63
N15 A81 J . 24.82 7.98 23.21
C16 A81 J . 23.55 8.24 23.47
O17 A81 J . 22.73 8.59 22.68
C18 A81 J . 23.34 8.05 24.82
BR2 A81 J . 21.65 8.30 25.74
N22 A81 J . 32.29 3.15 28.70
C23 A81 J . 33.08 2.60 27.74
N24 A81 J . 32.99 2.96 26.49
C25 A81 J . 32.07 3.90 26.13
N26 A81 J . 33.91 2.23 25.72
C27 A81 J . 34.59 1.43 26.54
O28 A81 J . 35.45 0.68 26.23
C29 A81 J . 34.10 1.61 27.83
BR A81 J . 34.70 0.69 29.42
MN MN K . 12.16 25.40 13.57
C10 A81 L . 7.97 25.83 7.65
C20 A81 L . 8.29 29.26 3.22
C21 A81 L . 6.94 29.43 2.86
O01 A81 L . 6.86 28.51 7.24
N02 A81 L . 7.64 28.97 6.17
O03 A81 L . 7.65 30.12 5.93
C04 A81 L . 8.45 28.06 5.36
C05 A81 L . 8.72 28.22 4.01
N06 A81 L . 9.48 27.21 3.62
N07 A81 L . 9.71 26.39 4.68
C08 A81 L . 9.09 26.88 5.75
C09 A81 L . 9.12 26.32 7.02
N11 A81 L . 8.05 25.31 8.86
C12 A81 L . 9.25 25.23 9.50
N13 A81 L . 10.35 25.66 8.95
C14 A81 L . 10.32 26.21 7.71
N15 A81 L . 11.42 25.46 9.83
C16 A81 L . 10.97 24.88 10.93
O17 A81 L . 11.61 24.58 11.88
C18 A81 L . 9.59 24.72 10.79
BR2 A81 L . 8.39 23.93 12.08
N22 A81 L . 6.60 30.47 2.11
C23 A81 L . 7.53 31.35 1.67
N24 A81 L . 8.79 31.23 1.97
C25 A81 L . 9.20 30.19 2.75
N26 A81 L . 9.52 32.29 1.39
C27 A81 L . 8.67 33.05 0.72
O28 A81 L . 8.96 34.02 0.10
C29 A81 L . 7.39 32.52 0.85
BR A81 L . 5.76 33.23 0.07
MN MN M . 28.88 2.25 -19.99
C10 A81 N . 34.52 4.07 -23.65
C20 A81 N . 38.57 7.80 -22.51
C21 A81 N . 39.04 8.27 -23.75
O01 A81 N . 35.78 8.09 -24.22
N02 A81 N . 35.54 7.33 -23.07
O03 A81 N . 34.54 7.48 -22.47
C04 A81 N . 36.54 6.36 -22.61
C05 A81 N . 37.89 6.60 -22.38
N06 A81 N . 38.43 5.46 -21.99
N07 A81 N . 37.48 4.49 -21.96
C08 A81 N . 36.32 5.02 -22.34
C09 A81 N . 35.13 4.32 -22.42
N11 A81 N . 33.37 3.40 -23.68
C12 A81 N . 32.81 2.95 -22.53
N13 A81 N . 33.35 3.16 -21.36
C14 A81 N . 34.52 3.85 -21.26
N15 A81 N . 32.53 2.58 -20.37
C16 A81 N . 31.49 2.02 -20.96
O17 A81 N . 30.60 1.44 -20.43
C18 A81 N . 31.61 2.22 -22.32
BR2 A81 N . 30.37 1.60 -23.67
N22 A81 N . 39.70 9.43 -23.78
C23 A81 N . 39.92 10.14 -22.64
N24 A81 N . 39.51 9.73 -21.48
C25 A81 N . 38.83 8.56 -21.38
N26 A81 N . 39.89 10.66 -20.50
C27 A81 N . 40.54 11.66 -21.08
O28 A81 N . 40.99 12.60 -20.53
C29 A81 N . 40.60 11.38 -22.44
BR A81 N . 41.44 12.49 -23.80
MN MN O . 22.59 -17.84 -14.07
C10 A81 P . 17.38 -19.47 -9.52
C20 A81 P . 17.39 -22.74 -4.97
C21 A81 P . 16.11 -23.30 -4.92
O01 A81 P . 16.87 -23.25 -8.45
N02 A81 P . 18.03 -22.61 -7.99
O03 A81 P . 19.08 -22.99 -8.35
C04 A81 P . 17.92 -21.51 -7.04
C05 A81 P . 17.64 -21.59 -5.69
N06 A81 P . 17.64 -20.37 -5.20
N07 A81 P . 17.90 -19.48 -6.20
C08 A81 P . 18.08 -20.15 -7.32
C09 A81 P . 18.38 -19.58 -8.55
N11 A81 P . 17.66 -18.92 -10.70
C12 A81 P . 18.90 -18.44 -10.96
N13 A81 P . 19.86 -18.51 -10.08
C14 A81 P . 19.64 -19.07 -8.85
N15 A81 P . 21.02 -17.94 -10.64
C16 A81 P . 20.74 -17.52 -11.86
O17 A81 P . 21.51 -17.00 -12.61
C18 A81 P . 19.42 -17.81 -12.13
BR2 A81 P . 18.45 -17.45 -13.76
N22 A81 P . 15.91 -24.40 -4.21
C23 A81 P . 16.93 -24.98 -3.52
N24 A81 P . 18.14 -24.49 -3.54
C25 A81 P . 18.40 -23.37 -4.25
N26 A81 P . 18.97 -25.29 -2.75
C27 A81 P . 18.24 -26.29 -2.25
O28 A81 P . 18.66 -27.14 -1.54
C29 A81 P . 16.93 -26.14 -2.70
BR A81 P . 15.41 -27.28 -2.32
MN MN Q . -17.62 -12.36 12.11
C10 A81 R . -18.14 -5.31 11.77
C20 A81 R . -18.06 -2.15 7.12
C21 A81 R . -17.57 -0.89 7.50
O01 A81 R . -15.95 -5.44 9.17
N02 A81 R . -16.47 -4.15 8.95
O03 A81 R . -15.73 -3.24 8.85
C04 A81 R . -17.90 -3.95 8.85
C05 A81 R . -18.58 -3.05 8.04
N06 A81 R . -19.88 -3.20 8.26
N07 A81 R . -20.06 -4.17 9.20
C08 A81 R . -18.88 -4.62 9.57
C09 A81 R . -18.67 -5.62 10.50
N11 A81 R . -17.96 -6.28 12.64
C12 A81 R . -18.26 -7.57 12.33
N13 A81 R . -18.74 -7.90 11.17
C14 A81 R . -18.96 -6.95 10.22
N15 A81 R . -18.95 -9.29 11.16
C16 A81 R . -18.59 -9.79 12.32
O17 A81 R . -18.63 -10.93 12.64
C18 A81 R . -18.14 -8.75 13.11
BR2 A81 R . -17.47 -8.89 14.92
N22 A81 R . -17.09 -0.07 6.58
C23 A81 R . -17.07 -0.43 5.26
N24 A81 R . -17.52 -1.58 4.87
C25 A81 R . -18.02 -2.46 5.76
N26 A81 R . -17.37 -1.68 3.47
C27 A81 R . -16.82 -0.55 3.02
O28 A81 R . -16.57 -0.30 1.89
C29 A81 R . -16.60 0.28 4.12
BR A81 R . -15.83 2.05 4.06
MN MN S . -31.32 -25.35 23.39
C10 A81 T . -19.12 2.95 3.56
C20 A81 T . -19.15 4.55 -1.87
C21 A81 T . -18.72 5.87 -1.86
O01 A81 T . -21.62 4.95 -0.20
N02 A81 T . -20.75 4.45 0.77
O03 A81 T . -20.95 4.71 1.91
C04 A81 T . -19.60 3.63 0.40
C05 A81 T . -18.90 3.69 -0.80
N06 A81 T . -17.93 2.79 -0.77
N07 A81 T . -17.98 2.14 0.43
C08 A81 T . -18.98 2.63 1.15
C09 A81 T . -19.32 2.19 2.41
N11 A81 T . -19.47 2.47 4.75
C12 A81 T . -20.01 1.22 4.84
N13 A81 T . -20.21 0.48 3.80
C14 A81 T . -19.88 0.92 2.56
N15 A81 T . -20.78 -0.75 4.20
C16 A81 T . -20.93 -0.73 5.51
O17 A81 T . -21.38 -1.61 6.15
C18 A81 T . -20.47 0.49 5.98
BR2 A81 T . -20.44 1.06 7.83
N22 A81 T . -18.99 6.64 -2.90
C23 A81 T . -19.68 6.17 -3.97
N24 A81 T . -20.11 4.94 -4.02
C25 A81 T . -19.86 4.10 -2.97
N26 A81 T . -20.78 4.74 -5.24
C27 A81 T . -20.75 5.87 -5.93
O28 A81 T . -21.24 6.05 -7.00
C29 A81 T . -20.08 6.82 -5.17
BR A81 T . -19.73 8.66 -5.67
C10 A81 U . -34.91 -37.30 23.63
C20 A81 U . -32.08 -32.45 22.75
C21 A81 U . -31.10 -32.53 23.74
O01 A81 U . -34.25 -32.56 24.96
N02 A81 U . -34.08 -33.90 24.58
O03 A81 U . -34.22 -34.76 25.38
C04 A81 U . -33.76 -34.22 23.22
C05 A81 U . -32.84 -33.55 22.40
N06 A81 U . -32.82 -34.15 21.23
N07 A81 U . -33.70 -35.19 21.26
C08 A81 U . -34.26 -35.25 22.45
C09 A81 U . -35.22 -36.19 22.83
N11 A81 U . -35.86 -38.16 23.95
C12 A81 U . -37.13 -37.98 23.51
N13 A81 U . -37.46 -36.96 22.76
C14 A81 U . -36.53 -36.05 22.40
N15 A81 U . -38.82 -37.03 22.45
C16 A81 U . -39.33 -38.09 23.01
O17 A81 U . -40.47 -38.42 22.94
C18 A81 U . -38.32 -38.76 23.71
BR2 A81 U . -38.48 -40.40 24.73
N22 A81 U . -30.40 -31.44 24.02
C23 A81 U . -30.61 -30.28 23.37
N24 A81 U . -31.52 -30.16 22.45
C25 A81 U . -32.27 -31.23 22.10
N26 A81 U . -31.49 -28.82 21.97
C27 A81 U . -30.57 -28.16 22.63
O28 A81 U . -30.28 -27.01 22.49
C29 A81 U . -29.98 -29.01 23.54
BR A81 U . -28.55 -28.58 24.78
MN MN V . -13.43 8.03 -28.12
C10 A81 W . -16.20 5.47 -40.00
C20 A81 W . -16.38 6.47 -34.44
C21 A81 W . -16.93 7.75 -34.38
O01 A81 W . -14.49 7.98 -36.14
N02 A81 W . -14.82 7.00 -37.08
O03 A81 W . -14.31 7.07 -38.14
C04 A81 W . -15.76 5.92 -36.77
C05 A81 W . -16.46 5.70 -35.59
N06 A81 W . -17.20 4.62 -35.73
N07 A81 W . -17.02 4.13 -36.98
C08 A81 W . -16.16 4.89 -37.62
C09 A81 W . -15.71 4.70 -38.93
N11 A81 W . -15.74 5.25 -41.22
C12 A81 W . -14.80 4.29 -41.45
N13 A81 W . -14.32 3.57 -40.48
C14 A81 W . -14.76 3.73 -39.21
N15 A81 W . -13.38 2.66 -41.00
C16 A81 W . -13.29 2.85 -42.29
O17 A81 W . -12.57 2.24 -43.01
C18 A81 W . -14.15 3.86 -42.66
BR2 A81 W . -14.45 4.58 -44.44
N22 A81 W . -16.80 8.43 -33.24
C23 A81 W . -16.17 7.90 -32.16
N24 A81 W . -15.64 6.71 -32.18
C25 A81 W . -15.73 5.96 -33.31
N26 A81 W . -15.06 6.45 -30.92
C27 A81 W . -15.24 7.51 -30.15
O28 A81 W . -14.87 7.63 -29.02
C29 A81 W . -15.93 8.45 -30.88
BR A81 W . -16.48 10.21 -30.26
MN MN X . -22.60 6.24 -8.00
#